data_4G0A
#
_entry.id   4G0A
#
_cell.length_a   107.690
_cell.length_b   107.690
_cell.length_c   272.211
_cell.angle_alpha   90.00
_cell.angle_beta   90.00
_cell.angle_gamma   120.00
#
_symmetry.space_group_name_H-M   'P 31 2 1'
#
loop_
_entity.id
_entity.type
_entity.pdbx_description
1 polymer 'Non-structural protein 2'
2 polymer "RNA (5'-R(P*GP*GP*U)-3')"
3 non-polymer 'CHLORIDE ION'
4 non-polymer 'SODIUM ION'
5 water water
#
loop_
_entity_poly.entity_id
_entity_poly.type
_entity_poly.pdbx_seq_one_letter_code
_entity_poly.pdbx_strand_id
1 'polypeptide(L)'
;MAELACFCYPHLENDSYKFIPFNNLAIKAMLTAKVDKKDMDKFYDSIIYGIAPPPQFKKRYNTNDNSRGMNFETIMFTKV
AMLICEALNSLKVTQANVSNVLSRVVSIRHLENLVIRKENPQDILFHSKDLLLKSTLIAIGQSKEIETTITAEGGEIVFQ
NAAFTMWKLTYLEHQLMPILDQNFIEYKVTLNEDKPISDVHVKELVAELRWQYNKFAVITHGKGHYRIVKYSSVANHADR
VYATFKSNVKTGVNNDFNLLDQRIIWQNWYAFTSSMKQGNTLDVCKRLLFQKMKPEKNPFKGLSTDRKMDEVSQVGV
;
A,B,C,D
2 'polyribonucleotide' GGU E,F,G,H
#
# COMPACT_ATOMS: atom_id res chain seq x y z
N ALA A 2 18.71 28.60 4.19
CA ALA A 2 17.59 29.53 4.38
C ALA A 2 17.43 29.90 5.85
N GLU A 3 16.75 31.01 6.10
CA GLU A 3 16.46 31.44 7.46
C GLU A 3 15.54 30.44 8.14
N LEU A 4 15.68 30.31 9.47
CA LEU A 4 14.81 29.43 10.23
C LEU A 4 13.35 29.89 10.12
N ALA A 5 13.16 31.18 9.87
CA ALA A 5 11.83 31.76 9.73
C ALA A 5 11.11 31.29 8.47
N CYS A 6 11.81 30.51 7.65
CA CYS A 6 11.20 29.93 6.46
C CYS A 6 10.45 28.64 6.78
N PHE A 7 10.61 28.14 8.00
CA PHE A 7 10.05 26.85 8.38
C PHE A 7 8.99 26.93 9.47
N CYS A 8 9.08 27.96 10.31
CA CYS A 8 8.18 28.06 11.45
C CYS A 8 8.00 29.50 11.88
N TYR A 9 6.98 29.75 12.69
CA TYR A 9 6.75 31.06 13.28
C TYR A 9 6.61 30.94 14.78
N PRO A 10 6.91 32.03 15.51
CA PRO A 10 6.87 31.98 16.97
C PRO A 10 5.49 32.33 17.55
N HIS A 11 5.15 31.70 18.67
CA HIS A 11 3.96 32.05 19.42
C HIS A 11 4.32 32.12 20.90
N LEU A 12 4.16 33.30 21.49
CA LEU A 12 4.53 33.54 22.88
C LEU A 12 3.58 32.83 23.84
N GLU A 13 4.14 32.01 24.72
CA GLU A 13 3.35 31.32 25.73
C GLU A 13 4.01 31.49 27.10
N ASN A 14 3.34 32.25 27.96
CA ASN A 14 3.95 32.69 29.22
C ASN A 14 5.25 33.46 28.99
N ASP A 15 6.37 32.89 29.41
CA ASP A 15 7.63 33.62 29.38
C ASP A 15 8.55 33.27 28.20
N SER A 16 8.16 32.29 27.39
CA SER A 16 9.00 31.93 26.24
C SER A 16 8.18 31.48 25.03
N TYR A 17 8.86 31.40 23.88
CA TYR A 17 8.18 31.12 22.63
C TYR A 17 8.04 29.64 22.28
N LYS A 18 6.92 29.31 21.66
CA LYS A 18 6.75 28.02 21.02
C LYS A 18 6.86 28.28 19.52
N PHE A 19 7.39 27.31 18.78
CA PHE A 19 7.55 27.48 17.34
C PHE A 19 6.69 26.48 16.59
N ILE A 20 5.96 26.97 15.60
CA ILE A 20 4.96 26.19 14.89
C ILE A 20 5.31 26.11 13.41
N PRO A 21 5.31 24.89 12.84
CA PRO A 21 5.68 24.72 11.42
C PRO A 21 4.60 25.27 10.48
N PHE A 22 5.00 25.76 9.32
CA PHE A 22 4.07 26.26 8.32
C PHE A 22 3.39 25.12 7.59
N ASN A 23 2.13 25.32 7.23
CA ASN A 23 1.47 24.48 6.23
C ASN A 23 1.99 24.89 4.85
N ASN A 24 2.24 23.91 3.98
CA ASN A 24 2.81 24.25 2.67
C ASN A 24 1.88 25.06 1.77
N LEU A 25 0.58 24.90 1.96
CA LEU A 25 -0.40 25.68 1.20
C LEU A 25 -0.51 27.12 1.71
N ALA A 26 -0.15 27.35 2.96
CA ALA A 26 -0.06 28.71 3.48
C ALA A 26 1.07 29.46 2.78
N ILE A 27 2.22 28.79 2.65
CA ILE A 27 3.33 29.36 1.92
C ILE A 27 2.93 29.62 0.47
N LYS A 28 2.27 28.65 -0.14
CA LYS A 28 1.85 28.78 -1.53
C LYS A 28 0.94 29.99 -1.73
N ALA A 29 0.04 30.24 -0.77
CA ALA A 29 -0.85 31.38 -0.83
C ALA A 29 -0.07 32.69 -0.68
N MET A 30 0.84 32.72 0.30
CA MET A 30 1.70 33.88 0.50
C MET A 30 2.42 34.27 -0.80
N LEU A 31 2.86 33.27 -1.56
CA LEU A 31 3.57 33.52 -2.81
C LEU A 31 2.74 34.25 -3.86
N THR A 32 1.43 34.18 -3.75
CA THR A 32 0.54 34.85 -4.70
C THR A 32 0.01 36.17 -4.13
N ALA A 33 0.47 36.53 -2.93
CA ALA A 33 -0.13 37.64 -2.19
C ALA A 33 0.42 39.01 -2.58
N LYS A 34 -0.46 40.01 -2.52
CA LYS A 34 -0.06 41.39 -2.67
C LYS A 34 0.05 42.01 -1.28
N VAL A 35 1.26 42.41 -0.89
CA VAL A 35 1.54 42.87 0.46
C VAL A 35 2.16 44.27 0.49
N ASP A 36 1.77 45.07 1.48
CA ASP A 36 2.39 46.38 1.69
C ASP A 36 3.88 46.24 1.95
N LYS A 37 4.68 47.18 1.43
CA LYS A 37 6.12 47.14 1.66
C LYS A 37 6.43 47.07 3.15
N LYS A 38 5.65 47.79 3.94
CA LYS A 38 5.85 47.83 5.39
C LYS A 38 5.59 46.47 6.04
N ASP A 39 4.97 45.56 5.30
CA ASP A 39 4.56 44.27 5.86
C ASP A 39 5.36 43.10 5.29
N MET A 40 6.36 43.39 4.48
CA MET A 40 7.17 42.35 3.86
C MET A 40 7.93 41.52 4.89
N ASP A 41 8.19 42.10 6.04
CA ASP A 41 8.94 41.42 7.09
C ASP A 41 8.04 40.83 8.16
N LYS A 42 6.72 40.88 7.94
CA LYS A 42 5.76 40.32 8.89
C LYS A 42 5.25 38.95 8.45
N PHE A 43 5.00 38.07 9.41
CA PHE A 43 4.41 36.77 9.10
C PHE A 43 3.04 36.98 8.46
N TYR A 44 2.68 36.09 7.54
CA TYR A 44 1.52 36.30 6.67
C TYR A 44 0.34 35.40 7.01
N ASP A 45 -0.86 35.97 7.02
CA ASP A 45 -2.09 35.22 7.28
C ASP A 45 -2.74 34.77 5.97
N SER A 46 -2.71 33.46 5.71
CA SER A 46 -3.31 32.91 4.49
C SER A 46 -4.83 32.71 4.63
N ILE A 47 -5.33 32.95 5.84
CA ILE A 47 -6.76 32.84 6.14
C ILE A 47 -7.27 31.40 6.14
N ILE A 48 -6.91 30.66 5.09
CA ILE A 48 -7.40 29.30 4.89
C ILE A 48 -6.45 28.23 5.44
N TYR A 49 -5.15 28.51 5.39
CA TYR A 49 -4.15 27.51 5.70
C TYR A 49 -3.23 27.90 6.85
N GLY A 50 -3.60 28.94 7.59
CA GLY A 50 -2.83 29.38 8.73
C GLY A 50 -1.76 30.40 8.39
N ILE A 51 -0.83 30.60 9.33
CA ILE A 51 0.22 31.60 9.17
C ILE A 51 1.28 31.13 8.18
N ALA A 52 1.89 32.08 7.48
CA ALA A 52 2.93 31.79 6.49
C ALA A 52 4.16 32.65 6.77
N PRO A 53 5.29 32.31 6.14
CA PRO A 53 6.52 33.08 6.31
C PRO A 53 6.41 34.50 5.75
N PRO A 54 7.23 35.42 6.25
CA PRO A 54 7.27 36.79 5.72
C PRO A 54 7.57 36.80 4.23
N PRO A 55 6.80 37.58 3.46
CA PRO A 55 6.92 37.64 2.00
C PRO A 55 8.33 37.98 1.53
N GLN A 56 9.14 38.58 2.40
CA GLN A 56 10.51 38.94 2.03
C GLN A 56 11.36 37.71 1.74
N PHE A 57 10.84 36.53 2.09
CA PHE A 57 11.57 35.29 1.89
C PHE A 57 11.06 34.49 0.70
N LYS A 58 10.27 35.14 -0.16
CA LYS A 58 9.70 34.46 -1.33
C LYS A 58 10.73 33.69 -2.14
N LYS A 59 11.90 34.26 -2.33
CA LYS A 59 12.93 33.64 -3.17
C LYS A 59 13.53 32.37 -2.59
N ARG A 60 13.20 32.08 -1.33
CA ARG A 60 13.66 30.86 -0.70
C ARG A 60 12.85 29.63 -1.15
N TYR A 61 11.77 29.88 -1.88
CA TYR A 61 10.84 28.83 -2.27
C TYR A 61 10.76 28.66 -3.78
N ASN A 62 10.90 27.41 -4.23
CA ASN A 62 10.82 27.10 -5.64
C ASN A 62 9.43 27.30 -6.22
N THR A 63 9.38 27.94 -7.38
CA THR A 63 8.14 28.21 -8.09
C THR A 63 8.37 28.04 -9.58
N ASN A 64 7.40 28.45 -10.39
CA ASN A 64 7.56 28.39 -11.83
C ASN A 64 8.69 29.30 -12.32
N ASP A 65 8.89 30.42 -11.63
CA ASP A 65 9.93 31.37 -12.00
C ASP A 65 11.14 31.30 -11.08
N ASN A 66 11.21 30.25 -10.27
CA ASN A 66 12.33 30.10 -9.33
C ASN A 66 12.68 28.64 -9.07
N SER A 67 13.94 28.30 -9.32
CA SER A 67 14.42 26.95 -9.08
C SER A 67 15.61 26.95 -8.13
N ARG A 68 15.91 28.12 -7.57
CA ARG A 68 17.06 28.27 -6.70
C ARG A 68 16.72 28.24 -5.22
N GLY A 69 15.49 27.83 -4.92
CA GLY A 69 15.03 27.71 -3.53
C GLY A 69 14.77 26.28 -3.12
N MET A 70 13.85 26.09 -2.18
CA MET A 70 13.56 24.75 -1.66
C MET A 70 12.20 24.24 -2.16
N ASN A 71 12.04 22.93 -2.17
CA ASN A 71 10.79 22.30 -2.58
C ASN A 71 9.84 22.13 -1.40
N PHE A 72 9.16 23.22 -1.04
CA PHE A 72 8.40 23.30 0.20
C PHE A 72 7.11 22.45 0.23
N GLU A 73 6.74 21.87 -0.91
CA GLU A 73 5.52 21.07 -0.94
C GLU A 73 5.79 19.58 -0.71
N THR A 74 7.06 19.22 -0.55
CA THR A 74 7.43 17.85 -0.26
C THR A 74 7.19 17.54 1.23
N ILE A 75 7.09 16.26 1.56
CA ILE A 75 6.90 15.87 2.96
C ILE A 75 8.14 16.20 3.77
N MET A 76 9.30 16.28 3.10
CA MET A 76 10.54 16.57 3.81
C MET A 76 10.53 17.99 4.37
N PHE A 77 9.85 18.91 3.70
CA PHE A 77 9.72 20.26 4.24
C PHE A 77 9.08 20.19 5.62
N THR A 78 8.00 19.44 5.71
CA THR A 78 7.28 19.28 6.97
C THR A 78 8.14 18.61 8.03
N LYS A 79 8.89 17.58 7.63
CA LYS A 79 9.75 16.87 8.56
C LYS A 79 10.87 17.75 9.09
N VAL A 80 11.47 18.53 8.21
CA VAL A 80 12.53 19.46 8.60
C VAL A 80 11.99 20.56 9.50
N ALA A 81 10.80 21.06 9.18
CA ALA A 81 10.17 22.11 9.98
C ALA A 81 9.90 21.62 11.40
N MET A 82 9.41 20.39 11.50
CA MET A 82 9.14 19.78 12.81
C MET A 82 10.42 19.53 13.59
N LEU A 83 11.48 19.10 12.90
CA LEU A 83 12.77 18.91 13.53
C LEU A 83 13.25 20.23 14.14
N ILE A 84 13.15 21.30 13.36
CA ILE A 84 13.53 22.62 13.82
C ILE A 84 12.72 23.05 15.05
N CYS A 85 11.40 22.92 14.96
CA CYS A 85 10.51 23.33 16.04
C CYS A 85 10.81 22.60 17.34
N GLU A 86 11.03 21.29 17.25
CA GLU A 86 11.33 20.49 18.42
C GLU A 86 12.60 21.01 19.12
N ALA A 87 13.63 21.27 18.33
CA ALA A 87 14.87 21.81 18.87
C ALA A 87 14.69 23.20 19.46
N LEU A 88 14.01 24.08 18.71
CA LEU A 88 13.77 25.44 19.18
C LEU A 88 12.88 25.47 20.42
N ASN A 89 11.91 24.56 20.49
CA ASN A 89 11.01 24.50 21.63
C ASN A 89 11.74 24.12 22.92
N SER A 90 12.88 23.44 22.77
CA SER A 90 13.64 23.01 23.95
C SER A 90 14.48 24.14 24.52
N LEU A 91 14.58 25.26 23.78
CA LEU A 91 15.46 26.36 24.17
C LEU A 91 14.82 27.38 25.10
N LYS A 92 13.49 27.44 25.13
CA LYS A 92 12.79 28.49 25.86
C LYS A 92 13.27 29.86 25.39
N VAL A 93 13.12 30.11 24.08
CA VAL A 93 13.55 31.37 23.49
C VAL A 93 12.71 32.53 24.03
N THR A 94 13.38 33.62 24.40
CA THR A 94 12.69 34.77 24.97
C THR A 94 12.51 35.89 23.94
N GLN A 95 11.77 36.92 24.33
CA GLN A 95 11.54 38.07 23.48
C GLN A 95 12.87 38.70 23.02
N ALA A 96 13.86 38.66 23.90
CA ALA A 96 15.15 39.27 23.61
C ALA A 96 15.88 38.61 22.43
N ASN A 97 15.63 37.32 22.22
CA ASN A 97 16.39 36.54 21.25
C ASN A 97 15.62 36.00 20.06
N VAL A 98 14.29 36.07 20.12
CA VAL A 98 13.46 35.41 19.10
C VAL A 98 13.77 35.84 17.67
N SER A 99 14.02 37.14 17.49
CA SER A 99 14.32 37.66 16.15
C SER A 99 15.65 37.16 15.62
N ASN A 100 16.68 37.20 16.47
CA ASN A 100 17.99 36.68 16.10
C ASN A 100 17.93 35.20 15.74
N VAL A 101 17.24 34.42 16.57
CA VAL A 101 17.11 32.99 16.34
C VAL A 101 16.49 32.72 14.97
N LEU A 102 15.35 33.34 14.71
CA LEU A 102 14.62 33.10 13.47
C LEU A 102 15.34 33.61 12.23
N SER A 103 16.21 34.58 12.39
CA SER A 103 16.95 35.14 11.27
C SER A 103 18.20 34.35 10.92
N ARG A 104 18.53 33.35 11.73
CA ARG A 104 19.71 32.54 11.47
C ARG A 104 19.56 31.73 10.18
N VAL A 105 20.51 31.89 9.27
CA VAL A 105 20.53 31.12 8.04
C VAL A 105 21.25 29.79 8.29
N VAL A 106 20.62 28.70 7.89
CA VAL A 106 21.17 27.37 8.15
C VAL A 106 21.21 26.55 6.87
N SER A 107 21.95 25.44 6.92
CA SER A 107 21.99 24.49 5.82
C SER A 107 20.76 23.59 5.86
N ILE A 108 19.88 23.74 4.86
CA ILE A 108 18.70 22.90 4.73
C ILE A 108 19.07 21.44 4.48
N ARG A 109 20.12 21.21 3.70
CA ARG A 109 20.56 19.86 3.37
C ARG A 109 21.05 19.13 4.63
N HIS A 110 21.77 19.87 5.48
CA HIS A 110 22.22 19.34 6.76
C HIS A 110 21.02 18.85 7.57
N LEU A 111 19.94 19.64 7.54
CA LEU A 111 18.72 19.30 8.28
C LEU A 111 18.00 18.10 7.69
N GLU A 112 17.90 18.03 6.36
CA GLU A 112 17.30 16.86 5.73
C GLU A 112 18.09 15.61 6.12
N ASN A 113 19.40 15.72 6.13
CA ASN A 113 20.25 14.60 6.53
C ASN A 113 20.00 14.13 7.97
N LEU A 114 19.70 15.06 8.86
CA LEU A 114 19.36 14.70 10.23
C LEU A 114 18.02 13.97 10.31
N VAL A 115 17.04 14.41 9.52
CA VAL A 115 15.76 13.73 9.45
C VAL A 115 16.01 12.29 9.01
N ILE A 116 16.87 12.14 8.01
CA ILE A 116 17.21 10.82 7.48
C ILE A 116 17.87 9.93 8.54
N ARG A 117 18.72 10.51 9.39
CA ARG A 117 19.31 9.77 10.50
C ARG A 117 18.24 9.42 11.53
N LYS A 118 17.47 10.42 11.92
CA LYS A 118 16.46 10.31 12.96
C LYS A 118 15.40 9.24 12.68
N GLU A 119 15.04 9.06 11.42
CA GLU A 119 13.98 8.13 11.06
C GLU A 119 14.47 6.70 10.79
N ASN A 120 15.76 6.47 10.96
CA ASN A 120 16.32 5.13 10.76
C ASN A 120 16.52 4.39 12.08
N PRO A 121 15.78 3.29 12.26
CA PRO A 121 15.84 2.48 13.49
C PRO A 121 17.27 2.02 13.83
N GLN A 122 18.13 1.91 12.82
CA GLN A 122 19.51 1.49 13.07
C GLN A 122 20.35 2.60 13.68
N ASP A 123 19.92 3.84 13.52
CA ASP A 123 20.72 5.00 13.90
C ASP A 123 20.45 5.41 15.34
N ILE A 124 21.52 5.71 16.07
CA ILE A 124 21.39 6.13 17.47
C ILE A 124 20.47 7.34 17.69
N LEU A 125 20.36 8.20 16.69
CA LEU A 125 19.48 9.37 16.82
C LEU A 125 18.02 8.97 16.93
N PHE A 126 17.68 7.84 16.33
CA PHE A 126 16.32 7.28 16.43
C PHE A 126 16.00 6.95 17.88
N HIS A 127 17.01 6.57 18.65
CA HIS A 127 16.82 6.07 20.00
C HIS A 127 17.16 7.08 21.09
N SER A 128 17.91 8.12 20.73
CA SER A 128 18.33 9.10 21.72
C SER A 128 17.80 10.49 21.40
N LYS A 129 16.73 10.88 22.06
CA LYS A 129 16.18 12.22 21.91
C LYS A 129 17.23 13.26 22.29
N ASP A 130 18.01 12.95 23.31
CA ASP A 130 19.08 13.84 23.76
C ASP A 130 20.08 14.12 22.65
N LEU A 131 20.55 13.07 21.97
CA LEU A 131 21.53 13.24 20.90
C LEU A 131 20.90 13.88 19.66
N LEU A 132 19.64 13.58 19.40
CA LEU A 132 18.94 14.19 18.28
C LEU A 132 18.85 15.70 18.48
N LEU A 133 18.46 16.12 19.68
CA LEU A 133 18.37 17.55 19.99
C LEU A 133 19.72 18.24 19.88
N LYS A 134 20.75 17.61 20.43
CA LYS A 134 22.11 18.14 20.34
C LYS A 134 22.53 18.34 18.89
N SER A 135 22.30 17.30 18.09
CA SER A 135 22.68 17.32 16.68
C SER A 135 21.95 18.45 15.95
N THR A 136 20.67 18.60 16.24
CA THR A 136 19.88 19.64 15.58
C THR A 136 20.32 21.04 16.01
N LEU A 137 20.47 21.24 17.31
CA LEU A 137 20.91 22.52 17.84
C LEU A 137 22.23 22.96 17.20
N ILE A 138 23.15 22.02 17.02
CA ILE A 138 24.40 22.33 16.33
C ILE A 138 24.13 22.80 14.90
N ALA A 139 23.23 22.11 14.22
CA ALA A 139 22.91 22.43 12.82
C ALA A 139 22.24 23.79 12.63
N ILE A 140 21.44 24.21 13.61
CA ILE A 140 20.72 25.48 13.47
C ILE A 140 21.36 26.64 14.23
N GLY A 141 22.63 26.48 14.56
CA GLY A 141 23.42 27.56 15.14
C GLY A 141 23.00 27.99 16.53
N GLN A 142 22.44 27.06 17.31
CA GLN A 142 22.03 27.38 18.67
C GLN A 142 22.73 26.47 19.68
N SER A 143 24.00 26.18 19.42
CA SER A 143 24.79 25.35 20.32
C SER A 143 26.25 25.77 20.38
N LYS A 144 26.87 25.59 21.53
CA LYS A 144 28.31 25.81 21.68
C LYS A 144 29.09 24.58 21.24
N GLU A 145 28.38 23.46 21.10
CA GLU A 145 29.03 22.18 20.81
C GLU A 145 29.48 22.07 19.35
N ILE A 146 30.46 21.20 19.12
CA ILE A 146 31.03 20.99 17.81
C ILE A 146 30.49 19.69 17.21
N GLU A 147 30.14 19.73 15.93
CA GLU A 147 29.69 18.53 15.24
C GLU A 147 30.79 17.47 15.24
N THR A 148 30.47 16.28 15.74
CA THR A 148 31.38 15.15 15.70
C THR A 148 30.66 13.96 15.05
N THR A 149 31.31 12.81 15.01
CA THR A 149 30.73 11.66 14.33
C THR A 149 29.34 11.32 14.86
N ILE A 150 29.20 11.26 16.18
CA ILE A 150 27.93 10.89 16.79
C ILE A 150 26.81 11.90 16.48
N THR A 151 27.17 13.17 16.34
CA THR A 151 26.20 14.22 16.04
C THR A 151 26.26 14.69 14.58
N ALA A 152 26.87 13.89 13.71
CA ALA A 152 27.07 14.26 12.31
C ALA A 152 25.76 14.36 11.52
N GLU A 153 25.78 15.17 10.46
CA GLU A 153 24.63 15.27 9.58
C GLU A 153 24.38 13.92 8.90
N GLY A 154 25.46 13.16 8.69
CA GLY A 154 25.34 11.82 8.17
C GLY A 154 25.63 11.69 6.69
N GLY A 155 25.16 10.58 6.11
CA GLY A 155 25.47 10.25 4.74
C GLY A 155 25.93 8.80 4.69
N GLU A 156 26.72 8.45 3.69
CA GLU A 156 27.22 7.09 3.56
C GLU A 156 28.65 7.00 4.09
N ILE A 157 28.87 6.12 5.05
CA ILE A 157 30.20 5.90 5.59
C ILE A 157 31.09 5.16 4.59
N VAL A 158 32.20 5.77 4.21
CA VAL A 158 33.10 5.19 3.23
C VAL A 158 34.47 4.87 3.81
N PHE A 159 34.73 5.34 5.03
CA PHE A 159 35.96 5.01 5.74
C PHE A 159 35.76 5.28 7.21
N GLN A 160 36.33 4.41 8.06
CA GLN A 160 36.24 4.61 9.49
C GLN A 160 37.43 3.97 10.19
N ASN A 161 38.02 4.70 11.13
CA ASN A 161 38.96 4.10 12.07
C ASN A 161 38.67 4.65 13.46
N ALA A 162 39.54 4.34 14.42
CA ALA A 162 39.29 4.71 15.81
C ALA A 162 39.08 6.20 15.98
N ALA A 163 39.74 7.00 15.15
CA ALA A 163 39.71 8.45 15.32
C ALA A 163 38.75 9.21 14.40
N PHE A 164 38.49 8.67 13.21
CA PHE A 164 37.74 9.42 12.21
C PHE A 164 36.64 8.59 11.55
N THR A 165 35.61 9.30 11.08
CA THR A 165 34.61 8.70 10.20
C THR A 165 34.45 9.57 8.95
N MET A 166 34.59 8.96 7.77
CA MET A 166 34.44 9.68 6.53
C MET A 166 33.08 9.40 5.90
N TRP A 167 32.36 10.46 5.56
CA TRP A 167 31.00 10.35 5.04
C TRP A 167 30.90 10.89 3.62
N LYS A 168 30.23 10.16 2.74
CA LYS A 168 29.86 10.73 1.45
C LYS A 168 28.54 11.50 1.61
N LEU A 169 28.52 12.74 1.17
CA LEU A 169 27.31 13.54 1.26
C LEU A 169 26.37 13.24 0.10
N THR A 170 25.12 12.89 0.44
CA THR A 170 24.16 12.36 -0.54
C THR A 170 23.27 13.44 -1.15
N TYR A 171 23.81 14.66 -1.28
CA TYR A 171 23.01 15.83 -1.64
C TYR A 171 22.22 15.71 -2.95
N LEU A 172 22.75 14.98 -3.93
CA LEU A 172 22.07 14.84 -5.21
C LEU A 172 20.69 14.17 -5.07
N GLU A 173 20.52 13.37 -4.03
CA GLU A 173 19.31 12.57 -3.84
C GLU A 173 18.30 13.23 -2.92
N HIS A 174 18.62 14.41 -2.40
CA HIS A 174 17.75 15.09 -1.44
C HIS A 174 16.42 15.52 -2.05
N GLN A 175 15.38 15.53 -1.21
CA GLN A 175 14.06 15.94 -1.64
C GLN A 175 13.85 17.45 -1.50
N LEU A 176 14.29 18.00 -0.37
CA LEU A 176 13.97 19.39 -0.04
C LEU A 176 14.77 20.41 -0.86
N MET A 177 16.09 20.30 -0.84
CA MET A 177 16.92 21.20 -1.63
C MET A 177 18.20 20.51 -2.14
N PRO A 178 18.02 19.54 -3.05
CA PRO A 178 19.18 18.80 -3.58
C PRO A 178 20.14 19.70 -4.35
N ILE A 179 21.41 19.34 -4.39
CA ILE A 179 22.35 19.94 -5.33
C ILE A 179 21.87 19.55 -6.72
N LEU A 180 21.87 20.51 -7.63
CA LEU A 180 21.34 20.26 -8.97
C LEU A 180 22.44 19.95 -9.99
N ASP A 181 23.67 20.35 -9.68
CA ASP A 181 24.81 19.98 -10.52
C ASP A 181 25.15 18.51 -10.36
N GLN A 182 24.95 17.73 -11.41
CA GLN A 182 25.12 16.28 -11.35
C GLN A 182 26.57 15.83 -11.22
N ASN A 183 27.51 16.77 -11.35
CA ASN A 183 28.93 16.47 -11.19
C ASN A 183 29.36 16.52 -9.74
N PHE A 184 28.43 16.89 -8.86
CA PHE A 184 28.74 17.12 -7.46
C PHE A 184 29.23 15.86 -6.74
N ILE A 185 30.38 15.99 -6.09
CA ILE A 185 30.88 14.96 -5.18
C ILE A 185 31.57 15.66 -4.01
N GLU A 186 31.17 15.32 -2.79
CA GLU A 186 31.80 15.89 -1.61
C GLU A 186 31.69 14.93 -0.43
N TYR A 187 32.75 14.88 0.37
CA TYR A 187 32.77 14.05 1.57
C TYR A 187 33.07 14.94 2.76
N LYS A 188 32.87 14.41 3.96
CA LYS A 188 33.31 15.08 5.16
C LYS A 188 33.88 14.06 6.13
N VAL A 189 34.88 14.47 6.90
CA VAL A 189 35.46 13.60 7.90
C VAL A 189 35.25 14.21 9.28
N THR A 190 34.48 13.51 10.11
CA THR A 190 34.22 13.95 11.47
C THR A 190 35.12 13.19 12.43
N LEU A 191 35.46 13.83 13.54
CA LEU A 191 36.24 13.16 14.57
C LEU A 191 35.32 12.35 15.44
N ASN A 192 35.72 11.12 15.75
CA ASN A 192 34.91 10.26 16.60
C ASN A 192 34.86 10.80 18.02
N GLU A 193 35.98 11.37 18.46
CA GLU A 193 36.04 12.09 19.73
C GLU A 193 35.78 11.20 20.95
N ASP A 194 36.05 9.91 20.80
CA ASP A 194 36.00 8.99 21.93
C ASP A 194 37.18 9.30 22.84
N LYS A 195 38.38 9.02 22.35
CA LYS A 195 39.60 9.24 23.10
C LYS A 195 40.51 10.26 22.41
N PRO A 196 41.60 10.66 23.07
CA PRO A 196 42.66 11.39 22.38
C PRO A 196 43.10 10.62 21.12
N ILE A 197 43.48 11.36 20.08
CA ILE A 197 43.84 10.75 18.81
C ILE A 197 45.29 10.27 18.77
N SER A 198 45.51 9.11 18.17
CA SER A 198 46.85 8.58 17.96
C SER A 198 47.30 8.88 16.53
N ASP A 199 48.60 9.15 16.37
CA ASP A 199 49.14 9.47 15.04
C ASP A 199 49.06 8.28 14.08
N VAL A 200 48.90 7.08 14.63
CA VAL A 200 48.69 5.90 13.81
C VAL A 200 47.45 6.12 12.95
N HIS A 201 46.42 6.67 13.56
CA HIS A 201 45.13 6.85 12.90
C HIS A 201 45.12 8.06 11.98
N VAL A 202 45.94 9.06 12.30
CA VAL A 202 46.12 10.21 11.42
C VAL A 202 46.78 9.76 10.11
N LYS A 203 47.78 8.90 10.24
CA LYS A 203 48.49 8.38 9.07
C LYS A 203 47.57 7.54 8.19
N GLU A 204 46.71 6.75 8.82
CA GLU A 204 45.74 5.94 8.08
C GLU A 204 44.77 6.81 7.27
N LEU A 205 44.29 7.88 7.89
CA LEU A 205 43.38 8.80 7.20
C LEU A 205 44.05 9.47 6.02
N VAL A 206 45.25 10.00 6.24
CA VAL A 206 45.98 10.68 5.17
C VAL A 206 46.31 9.73 4.03
N ALA A 207 46.62 8.47 4.36
CA ALA A 207 46.90 7.47 3.34
C ALA A 207 45.66 7.18 2.50
N GLU A 208 44.50 7.07 3.14
CA GLU A 208 43.26 6.85 2.43
C GLU A 208 42.93 8.04 1.52
N LEU A 209 43.15 9.24 2.03
CA LEU A 209 42.85 10.45 1.27
C LEU A 209 43.75 10.63 0.06
N ARG A 210 45.05 10.40 0.23
CA ARG A 210 45.99 10.51 -0.88
C ARG A 210 45.78 9.42 -1.93
N TRP A 211 45.47 8.22 -1.47
CA TRP A 211 45.33 7.08 -2.37
C TRP A 211 43.97 7.03 -3.06
N GLN A 212 42.91 7.15 -2.29
CA GLN A 212 41.56 6.97 -2.81
C GLN A 212 40.90 8.27 -3.26
N TYR A 213 41.43 9.40 -2.79
CA TYR A 213 40.82 10.70 -3.11
C TYR A 213 41.87 11.73 -3.53
N ASN A 214 42.78 11.31 -4.39
CA ASN A 214 43.91 12.17 -4.78
C ASN A 214 43.47 13.44 -5.49
N LYS A 215 42.28 13.41 -6.10
CA LYS A 215 41.77 14.56 -6.84
C LYS A 215 40.93 15.50 -5.97
N PHE A 216 40.96 15.26 -4.66
CA PHE A 216 40.20 16.09 -3.73
C PHE A 216 41.11 16.87 -2.77
N ALA A 217 40.75 18.12 -2.54
CA ALA A 217 41.43 18.95 -1.56
C ALA A 217 40.86 18.67 -0.18
N VAL A 218 41.73 18.61 0.81
CA VAL A 218 41.28 18.46 2.19
C VAL A 218 41.23 19.84 2.82
N ILE A 219 40.03 20.33 3.08
CA ILE A 219 39.87 21.65 3.67
C ILE A 219 38.96 21.60 4.91
N THR A 220 38.60 22.78 5.40
CA THR A 220 37.65 22.90 6.50
C THR A 220 37.02 24.28 6.49
N HIS A 221 35.78 24.37 6.96
CA HIS A 221 35.14 25.67 7.11
C HIS A 221 35.28 26.18 8.55
N GLY A 222 36.15 25.53 9.31
CA GLY A 222 36.52 26.02 10.63
C GLY A 222 35.58 25.61 11.75
N LYS A 223 34.61 24.75 11.44
CA LYS A 223 33.62 24.34 12.43
C LYS A 223 33.94 22.99 13.09
N GLY A 224 35.15 22.50 12.88
CA GLY A 224 35.61 21.34 13.64
C GLY A 224 35.68 20.02 12.90
N HIS A 225 35.47 20.05 11.59
CA HIS A 225 35.61 18.82 10.80
C HIS A 225 36.23 19.10 9.43
N TYR A 226 36.62 18.03 8.74
CA TYR A 226 37.25 18.16 7.43
C TYR A 226 36.24 18.05 6.30
N ARG A 227 36.47 18.81 5.25
CA ARG A 227 35.65 18.73 4.06
C ARG A 227 36.51 18.33 2.89
N ILE A 228 36.11 17.25 2.23
CA ILE A 228 36.87 16.70 1.11
C ILE A 228 36.21 17.13 -0.18
N VAL A 229 36.83 18.09 -0.86
CA VAL A 229 36.19 18.74 -2.01
C VAL A 229 37.08 18.66 -3.24
N LYS A 230 36.46 18.66 -4.42
CA LYS A 230 37.22 18.71 -5.67
C LYS A 230 38.09 19.95 -5.69
N TYR A 231 39.32 19.82 -6.18
CA TYR A 231 40.21 20.97 -6.28
C TYR A 231 39.56 22.08 -7.11
N SER A 232 38.74 21.68 -8.08
CA SER A 232 38.07 22.62 -8.96
C SER A 232 36.95 23.40 -8.28
N SER A 233 36.61 23.02 -7.04
CA SER A 233 35.59 23.74 -6.29
C SER A 233 36.17 24.56 -5.14
N VAL A 234 37.49 24.51 -5.00
CA VAL A 234 38.16 25.15 -3.87
C VAL A 234 37.96 26.66 -3.80
N ALA A 235 38.04 27.32 -4.95
CA ALA A 235 37.88 28.77 -5.00
C ALA A 235 36.50 29.18 -4.48
N ASN A 236 35.48 28.41 -4.85
CA ASN A 236 34.13 28.68 -4.40
C ASN A 236 33.96 28.54 -2.88
N HIS A 237 34.57 27.49 -2.32
CA HIS A 237 34.56 27.31 -0.87
C HIS A 237 35.28 28.47 -0.19
N ALA A 238 36.39 28.90 -0.78
CA ALA A 238 37.13 30.06 -0.26
C ALA A 238 36.22 31.28 -0.13
N ASP A 239 35.49 31.58 -1.20
CA ASP A 239 34.56 32.71 -1.20
C ASP A 239 33.51 32.59 -0.10
N ARG A 240 32.90 31.41 0.00
CA ARG A 240 31.85 31.17 0.99
C ARG A 240 32.37 31.32 2.41
N VAL A 241 33.53 30.71 2.67
CA VAL A 241 34.15 30.79 3.98
C VAL A 241 34.49 32.24 4.36
N TYR A 242 35.06 32.98 3.40
CA TYR A 242 35.44 34.37 3.67
C TYR A 242 34.22 35.24 3.95
N ALA A 243 33.19 35.10 3.13
CA ALA A 243 31.95 35.84 3.33
C ALA A 243 31.40 35.63 4.74
N THR A 244 31.32 34.37 5.16
CA THR A 244 30.83 34.05 6.49
C THR A 244 31.70 34.66 7.57
N PHE A 245 33.02 34.59 7.37
CA PHE A 245 33.97 35.18 8.31
C PHE A 245 33.78 36.69 8.39
N LYS A 246 33.75 37.32 7.22
CA LYS A 246 33.58 38.76 7.11
C LYS A 246 32.28 39.22 7.75
N SER A 247 31.19 38.53 7.43
CA SER A 247 29.89 38.86 7.96
C SER A 247 29.88 38.83 9.50
N ASN A 248 30.50 37.80 10.07
CA ASN A 248 30.58 37.69 11.52
C ASN A 248 31.35 38.85 12.15
N VAL A 249 32.33 39.37 11.43
CA VAL A 249 33.07 40.54 11.89
C VAL A 249 32.17 41.77 11.87
N LYS A 250 31.55 42.03 10.72
CA LYS A 250 30.62 43.14 10.58
C LYS A 250 29.55 43.13 11.68
N THR A 251 28.86 42.01 11.81
CA THR A 251 27.73 41.90 12.74
C THR A 251 28.16 41.95 14.20
N GLY A 252 29.20 41.19 14.55
CA GLY A 252 29.69 41.16 15.92
C GLY A 252 29.82 39.77 16.49
N VAL A 253 29.27 38.78 15.78
CA VAL A 253 29.43 37.39 16.18
C VAL A 253 30.91 37.03 16.20
N ASN A 254 31.32 36.28 17.21
CA ASN A 254 32.71 35.86 17.33
C ASN A 254 33.10 34.81 16.30
N ASN A 255 34.23 35.01 15.65
CA ASN A 255 34.75 34.07 14.68
C ASN A 255 35.62 33.00 15.30
N ASP A 256 35.04 31.82 15.50
CA ASP A 256 35.81 30.65 15.94
C ASP A 256 36.17 29.81 14.74
N PHE A 257 37.33 30.07 14.15
CA PHE A 257 37.84 29.26 13.02
C PHE A 257 38.95 28.30 13.42
N ASN A 258 38.60 27.04 13.51
CA ASN A 258 39.52 25.99 13.91
C ASN A 258 40.23 25.53 12.66
N LEU A 259 41.52 25.74 12.64
CA LEU A 259 42.40 25.34 11.54
C LEU A 259 42.67 23.84 11.40
N LEU A 260 42.42 23.12 12.45
CA LEU A 260 42.65 21.68 12.57
C LEU A 260 44.13 21.23 12.41
N ASP A 261 44.37 20.11 11.75
CA ASP A 261 45.69 19.52 11.72
C ASP A 261 46.41 19.90 10.42
N GLN A 262 47.49 20.61 10.60
CA GLN A 262 48.27 21.10 9.47
C GLN A 262 48.80 19.97 8.59
N ARG A 263 48.91 18.78 9.16
CA ARG A 263 49.42 17.62 8.44
C ARG A 263 48.32 17.00 7.56
N ILE A 264 47.07 17.41 7.78
CA ILE A 264 45.94 16.83 7.07
C ILE A 264 45.35 17.83 6.07
N ILE A 265 45.16 19.06 6.53
CA ILE A 265 44.65 20.14 5.67
C ILE A 265 45.58 20.39 4.49
N TRP A 266 45.01 20.61 3.31
CA TRP A 266 45.79 21.05 2.16
C TRP A 266 46.58 22.31 2.51
N GLN A 267 47.87 22.26 2.30
CA GLN A 267 48.79 23.36 2.59
C GLN A 267 48.27 24.75 2.14
N ASN A 268 47.80 24.88 0.92
CA ASN A 268 47.29 26.15 0.43
C ASN A 268 46.06 26.60 1.20
N TRP A 269 45.19 25.66 1.58
CA TRP A 269 44.00 26.02 2.35
C TRP A 269 44.39 26.50 3.74
N TYR A 270 45.38 25.86 4.33
CA TYR A 270 45.87 26.25 5.64
C TYR A 270 46.41 27.68 5.59
N ALA A 271 47.12 28.00 4.52
CA ALA A 271 47.66 29.34 4.32
C ALA A 271 46.55 30.36 4.10
N PHE A 272 45.60 30.03 3.23
CA PHE A 272 44.47 30.91 2.97
C PHE A 272 43.68 31.24 4.23
N THR A 273 43.35 30.22 5.02
CA THR A 273 42.55 30.43 6.22
C THR A 273 43.33 31.16 7.30
N SER A 274 44.62 30.87 7.41
CA SER A 274 45.46 31.57 8.38
C SER A 274 45.51 33.06 8.08
N SER A 275 45.68 33.39 6.80
CA SER A 275 45.73 34.78 6.37
C SER A 275 44.38 35.46 6.61
N MET A 276 43.30 34.73 6.36
CA MET A 276 41.96 35.24 6.63
C MET A 276 41.81 35.60 8.11
N LYS A 277 42.23 34.69 8.98
CA LYS A 277 42.12 34.90 10.42
C LYS A 277 42.94 36.11 10.89
N GLN A 278 43.93 36.50 10.08
CA GLN A 278 44.77 37.65 10.42
C GLN A 278 44.19 38.97 9.92
N GLY A 279 42.99 38.90 9.34
CA GLY A 279 42.25 40.08 8.95
C GLY A 279 42.53 40.62 7.56
N ASN A 280 43.20 39.83 6.72
CA ASN A 280 43.51 40.24 5.36
C ASN A 280 42.30 40.22 4.44
N THR A 281 42.37 40.99 3.35
CA THR A 281 41.29 41.06 2.40
C THR A 281 41.18 39.77 1.60
N LEU A 282 39.98 39.49 1.09
CA LEU A 282 39.74 38.29 0.29
C LEU A 282 40.75 38.15 -0.84
N ASP A 283 41.04 39.25 -1.51
CA ASP A 283 41.97 39.27 -2.63
C ASP A 283 43.36 38.77 -2.20
N VAL A 284 43.83 39.24 -1.06
CA VAL A 284 45.14 38.84 -0.55
C VAL A 284 45.13 37.37 -0.11
N CYS A 285 44.05 36.95 0.52
CA CYS A 285 43.93 35.56 0.98
C CYS A 285 43.92 34.56 -0.17
N LYS A 286 43.12 34.84 -1.20
CA LYS A 286 42.96 33.92 -2.33
C LYS A 286 44.23 33.77 -3.17
N ARG A 287 45.08 34.79 -3.16
CA ARG A 287 46.35 34.71 -3.89
C ARG A 287 47.13 33.50 -3.40
N LEU A 288 47.03 33.21 -2.11
CA LEU A 288 47.70 32.06 -1.51
C LEU A 288 47.12 30.74 -2.02
N LEU A 289 45.83 30.74 -2.32
CA LEU A 289 45.17 29.53 -2.85
C LEU A 289 45.74 29.13 -4.20
N PHE A 290 46.11 30.13 -5.00
CA PHE A 290 46.53 29.91 -6.38
C PHE A 290 48.05 29.83 -6.52
N GLN A 291 48.75 29.92 -5.40
CA GLN A 291 50.22 29.93 -5.41
C GLN A 291 50.81 28.53 -5.27
N LYS A 292 51.75 28.19 -6.15
CA LYS A 292 52.48 26.95 -6.00
C LYS A 292 53.25 27.01 -4.69
N MET A 293 53.18 25.94 -3.91
CA MET A 293 53.62 26.00 -2.52
C MET A 293 54.13 24.65 -2.04
N LYS A 294 55.42 24.58 -1.74
CA LYS A 294 56.04 23.35 -1.25
C LYS A 294 55.96 23.23 0.27
N PRO A 295 55.55 22.05 0.76
CA PRO A 295 55.26 21.78 2.17
C PRO A 295 56.29 22.35 3.14
N GLU A 296 55.82 22.77 4.31
CA GLU A 296 56.69 23.31 5.35
C GLU A 296 57.42 22.18 6.09
N LYS A 297 58.70 22.10 5.90
CA LYS A 297 59.46 21.22 6.73
C LYS A 297 59.41 21.95 8.06
N ASN A 298 59.26 21.23 9.14
CA ASN A 298 59.27 21.83 10.47
C ASN A 298 58.50 23.07 10.84
N PRO A 299 57.11 22.91 10.88
CA PRO A 299 56.42 24.05 11.49
C PRO A 299 56.74 24.30 12.97
N PHE A 300 57.40 23.42 13.69
CA PHE A 300 57.73 23.71 15.07
C PHE A 300 59.13 24.27 15.28
N LYS A 301 59.86 24.56 14.23
CA LYS A 301 61.18 25.16 14.36
C LYS A 301 61.10 26.64 14.71
N GLY A 302 61.77 27.02 15.80
CA GLY A 302 61.80 28.41 16.22
C GLY A 302 60.88 28.74 17.38
N LEU A 303 60.13 27.75 17.84
CA LEU A 303 59.17 27.95 18.93
C LEU A 303 59.84 28.44 20.21
N SER A 304 61.01 27.89 20.52
CA SER A 304 61.72 28.24 21.75
C SER A 304 62.41 29.60 21.60
N THR A 305 62.94 29.87 20.41
CA THR A 305 63.59 31.15 20.15
C THR A 305 62.58 32.29 20.24
N ASP A 306 61.36 32.04 19.77
CA ASP A 306 60.29 33.03 19.86
C ASP A 306 59.95 33.33 21.31
N ARG A 307 59.88 32.30 22.14
CA ARG A 307 59.67 32.49 23.58
C ARG A 307 60.80 33.31 24.17
N LYS A 308 62.02 33.05 23.70
CA LYS A 308 63.20 33.75 24.19
C LYS A 308 63.10 35.25 23.88
N MET A 309 62.75 35.57 22.64
CA MET A 309 62.68 36.97 22.21
C MET A 309 61.50 37.69 22.87
N ASP A 310 60.44 36.95 23.18
CA ASP A 310 59.32 37.51 23.92
C ASP A 310 59.75 38.00 25.30
N GLU A 311 60.58 37.20 25.96
CA GLU A 311 61.09 37.57 27.29
C GLU A 311 62.00 38.79 27.22
N VAL A 312 62.81 38.87 26.17
CA VAL A 312 63.69 40.02 25.99
C VAL A 312 62.87 41.31 25.83
N SER A 313 61.78 41.21 25.07
CA SER A 313 60.90 42.35 24.86
C SER A 313 60.23 42.79 26.17
N ALA B 2 -27.68 19.10 -8.99
CA ALA B 2 -28.77 18.14 -8.84
C ALA B 2 -29.52 18.35 -7.53
N GLU B 3 -30.64 17.65 -7.39
CA GLU B 3 -31.44 17.73 -6.18
C GLU B 3 -30.72 17.01 -5.04
N LEU B 4 -30.91 17.50 -3.82
CA LEU B 4 -30.33 16.85 -2.66
C LEU B 4 -30.85 15.42 -2.52
N ALA B 5 -32.04 15.19 -3.05
CA ALA B 5 -32.67 13.87 -2.99
C ALA B 5 -31.95 12.84 -3.86
N CYS B 6 -30.98 13.29 -4.63
CA CYS B 6 -30.16 12.39 -5.42
C CYS B 6 -29.06 11.75 -4.58
N PHE B 7 -28.87 12.26 -3.37
CA PHE B 7 -27.78 11.82 -2.52
C PHE B 7 -28.21 11.11 -1.24
N CYS B 8 -29.42 11.42 -0.76
CA CYS B 8 -29.86 10.87 0.52
C CYS B 8 -31.38 10.85 0.65
N TYR B 9 -31.86 10.09 1.64
CA TYR B 9 -33.29 10.05 1.94
C TYR B 9 -33.53 10.30 3.43
N PRO B 10 -34.71 10.84 3.76
CA PRO B 10 -35.06 11.16 5.14
C PRO B 10 -35.59 9.94 5.88
N HIS B 11 -35.23 9.84 7.14
CA HIS B 11 -35.76 8.85 8.04
C HIS B 11 -36.18 9.47 9.32
N LEU B 12 -37.46 9.47 9.62
CA LEU B 12 -37.90 10.07 10.89
C LEU B 12 -37.32 9.27 12.02
N GLU B 13 -36.68 9.91 12.98
CA GLU B 13 -36.19 9.18 14.14
C GLU B 13 -36.93 9.58 15.39
N ASN B 14 -36.61 10.73 15.96
CA ASN B 14 -37.31 11.17 17.16
C ASN B 14 -38.30 12.29 17.00
N ASP B 15 -37.82 13.51 17.09
CA ASP B 15 -38.71 14.63 16.90
C ASP B 15 -38.53 15.05 15.43
N SER B 16 -37.36 14.72 14.88
CA SER B 16 -36.98 15.24 13.57
C SER B 16 -36.41 14.17 12.64
N TYR B 17 -36.03 14.60 11.44
CA TYR B 17 -35.54 13.68 10.41
C TYR B 17 -34.02 13.53 10.40
N LYS B 18 -33.58 12.29 10.20
CA LYS B 18 -32.18 11.99 9.98
C LYS B 18 -32.02 11.65 8.51
N PHE B 19 -30.94 12.13 7.89
CA PHE B 19 -30.71 11.90 6.48
C PHE B 19 -29.62 10.87 6.25
N ILE B 20 -29.87 9.94 5.35
CA ILE B 20 -29.02 8.78 5.14
C ILE B 20 -28.62 8.66 3.68
N PRO B 21 -27.32 8.43 3.41
CA PRO B 21 -26.78 8.37 2.04
C PRO B 21 -27.20 7.10 1.32
N PHE B 22 -27.43 7.20 0.01
CA PHE B 22 -27.74 6.03 -0.79
C PHE B 22 -26.48 5.19 -1.02
N ASN B 23 -26.66 3.87 -1.05
CA ASN B 23 -25.62 2.98 -1.56
C ASN B 23 -25.63 3.09 -3.08
N ASN B 24 -24.46 3.07 -3.71
CA ASN B 24 -24.41 3.25 -5.16
C ASN B 24 -25.02 2.07 -5.92
N LEU B 25 -25.03 0.90 -5.29
CA LEU B 25 -25.64 -0.28 -5.91
C LEU B 25 -27.17 -0.26 -5.80
N ALA B 26 -27.68 0.50 -4.83
CA ALA B 26 -29.12 0.72 -4.74
C ALA B 26 -29.58 1.60 -5.90
N ILE B 27 -28.78 2.62 -6.20
CA ILE B 27 -29.06 3.49 -7.35
C ILE B 27 -28.97 2.70 -8.65
N LYS B 28 -27.93 1.89 -8.77
CA LYS B 28 -27.72 1.07 -9.96
C LYS B 28 -28.91 0.13 -10.20
N ALA B 29 -29.42 -0.45 -9.12
CA ALA B 29 -30.60 -1.30 -9.20
C ALA B 29 -31.82 -0.51 -9.68
N MET B 30 -32.04 0.65 -9.06
CA MET B 30 -33.15 1.53 -9.42
C MET B 30 -33.14 1.86 -10.91
N LEU B 31 -31.93 2.03 -11.46
CA LEU B 31 -31.78 2.39 -12.87
C LEU B 31 -32.24 1.28 -13.82
N THR B 32 -32.35 0.06 -13.32
CA THR B 32 -32.82 -1.07 -14.13
C THR B 32 -34.28 -1.40 -13.84
N ALA B 33 -34.89 -0.66 -12.91
CA ALA B 33 -36.20 -1.00 -12.38
C ALA B 33 -37.38 -0.60 -13.28
N LYS B 34 -38.41 -1.44 -13.29
CA LYS B 34 -39.67 -1.11 -13.92
C LYS B 34 -40.62 -0.57 -12.86
N VAL B 35 -40.96 0.71 -12.98
CA VAL B 35 -41.73 1.41 -11.96
C VAL B 35 -42.98 2.07 -12.54
N ASP B 36 -44.08 2.03 -11.79
CA ASP B 36 -45.31 2.69 -12.20
C ASP B 36 -45.13 4.20 -12.18
N LYS B 37 -45.76 4.90 -13.12
CA LYS B 37 -45.68 6.36 -13.17
C LYS B 37 -46.07 6.95 -11.83
N LYS B 38 -47.01 6.31 -11.16
CA LYS B 38 -47.49 6.76 -9.85
C LYS B 38 -46.38 6.74 -8.80
N ASP B 39 -45.35 5.92 -9.03
CA ASP B 39 -44.31 5.73 -8.05
C ASP B 39 -42.98 6.37 -8.44
N MET B 40 -42.98 7.08 -9.57
CA MET B 40 -41.76 7.73 -10.06
C MET B 40 -41.18 8.73 -9.07
N ASP B 41 -42.04 9.27 -8.20
CA ASP B 41 -41.60 10.28 -7.24
C ASP B 41 -41.43 9.71 -5.83
N LYS B 42 -41.54 8.39 -5.72
CA LYS B 42 -41.37 7.73 -4.43
C LYS B 42 -39.96 7.15 -4.34
N PHE B 43 -39.41 7.11 -3.13
CA PHE B 43 -38.12 6.45 -2.92
C PHE B 43 -38.23 4.97 -3.27
N TYR B 44 -37.17 4.43 -3.88
CA TYR B 44 -37.21 3.08 -4.41
C TYR B 44 -36.50 2.08 -3.50
N ASP B 45 -37.09 0.91 -3.34
CA ASP B 45 -36.52 -0.14 -2.53
C ASP B 45 -35.85 -1.21 -3.36
N SER B 46 -34.55 -1.24 -3.30
CA SER B 46 -33.77 -2.18 -4.06
C SER B 46 -33.74 -3.57 -3.49
N ILE B 47 -34.25 -3.72 -2.26
CA ILE B 47 -34.32 -4.97 -1.55
C ILE B 47 -32.95 -5.46 -1.03
N ILE B 48 -32.01 -5.63 -1.94
CA ILE B 48 -30.62 -5.92 -1.67
C ILE B 48 -29.70 -4.85 -1.08
N TYR B 49 -29.83 -3.63 -1.54
CA TYR B 49 -28.88 -2.58 -1.20
C TYR B 49 -29.52 -1.38 -0.51
N GLY B 50 -30.73 -1.57 0.01
CA GLY B 50 -31.42 -0.51 0.73
C GLY B 50 -32.19 0.44 -0.15
N ILE B 51 -32.45 1.64 0.36
CA ILE B 51 -33.27 2.61 -0.33
C ILE B 51 -32.51 3.35 -1.43
N ALA B 52 -33.20 3.65 -2.51
CA ALA B 52 -32.64 4.35 -3.66
C ALA B 52 -33.44 5.61 -3.96
N PRO B 53 -32.86 6.54 -4.73
CA PRO B 53 -33.57 7.77 -5.07
C PRO B 53 -34.81 7.52 -5.92
N PRO B 54 -35.77 8.46 -5.91
CA PRO B 54 -36.94 8.36 -6.79
C PRO B 54 -36.52 8.23 -8.24
N PRO B 55 -37.10 7.28 -8.97
CA PRO B 55 -36.78 7.00 -10.37
C PRO B 55 -36.91 8.22 -11.29
N GLN B 56 -37.61 9.26 -10.87
CA GLN B 56 -37.76 10.45 -11.70
C GLN B 56 -36.42 11.15 -11.90
N PHE B 57 -35.44 10.80 -11.07
CA PHE B 57 -34.13 11.43 -11.11
C PHE B 57 -33.10 10.62 -11.91
N LYS B 58 -33.58 9.64 -12.68
CA LYS B 58 -32.71 8.75 -13.45
C LYS B 58 -31.64 9.48 -14.27
N LYS B 59 -32.01 10.60 -14.89
CA LYS B 59 -31.09 11.30 -15.78
C LYS B 59 -30.00 12.06 -15.05
N ARG B 60 -30.06 12.08 -13.73
CA ARG B 60 -29.03 12.72 -12.92
C ARG B 60 -27.81 11.80 -12.77
N TYR B 61 -27.95 10.57 -13.22
CA TYR B 61 -26.90 9.57 -13.04
C TYR B 61 -26.32 9.07 -14.36
N ASN B 62 -25.00 9.07 -14.46
CA ASN B 62 -24.33 8.60 -15.67
C ASN B 62 -24.49 7.10 -15.87
N THR B 63 -24.84 6.72 -17.09
CA THR B 63 -24.99 5.32 -17.48
C THR B 63 -24.46 5.17 -18.91
N ASN B 64 -24.65 4.00 -19.50
CA ASN B 64 -24.21 3.77 -20.87
C ASN B 64 -24.83 4.74 -21.86
N ASP B 65 -26.08 5.12 -21.63
CA ASP B 65 -26.79 6.00 -22.55
C ASP B 65 -26.91 7.43 -22.02
N ASN B 66 -26.14 7.76 -20.99
CA ASN B 66 -26.20 9.09 -20.40
C ASN B 66 -24.85 9.52 -19.81
N SER B 67 -24.33 10.63 -20.32
CA SER B 67 -23.08 11.18 -19.81
C SER B 67 -23.28 12.61 -19.30
N ARG B 68 -24.53 12.98 -19.11
CA ARG B 68 -24.87 14.33 -18.67
C ARG B 68 -25.19 14.42 -17.18
N GLY B 69 -24.97 13.32 -16.46
CA GLY B 69 -25.24 13.28 -15.03
C GLY B 69 -23.98 13.17 -14.19
N MET B 70 -24.09 12.50 -13.05
CA MET B 70 -22.96 12.36 -12.13
C MET B 70 -22.44 10.94 -12.09
N ASN B 71 -21.17 10.78 -11.72
CA ASN B 71 -20.55 9.46 -11.59
C ASN B 71 -20.78 8.89 -10.18
N PHE B 72 -21.95 8.32 -9.97
CA PHE B 72 -22.41 7.96 -8.62
C PHE B 72 -21.71 6.74 -8.03
N GLU B 73 -20.92 6.04 -8.82
CA GLU B 73 -20.22 4.87 -8.30
C GLU B 73 -18.82 5.20 -7.78
N THR B 74 -18.44 6.48 -7.89
CA THR B 74 -17.17 6.93 -7.35
C THR B 74 -17.24 7.09 -5.84
N ILE B 75 -16.10 7.10 -5.17
CA ILE B 75 -16.10 7.32 -3.72
C ILE B 75 -16.49 8.76 -3.40
N MET B 76 -16.26 9.68 -4.35
CA MET B 76 -16.66 11.06 -4.13
C MET B 76 -18.17 11.21 -3.98
N PHE B 77 -18.93 10.35 -4.66
CA PHE B 77 -20.38 10.37 -4.48
C PHE B 77 -20.75 10.17 -3.02
N THR B 78 -20.16 9.14 -2.42
CA THR B 78 -20.41 8.83 -1.02
C THR B 78 -19.96 9.94 -0.10
N LYS B 79 -18.80 10.54 -0.39
CA LYS B 79 -18.28 11.63 0.41
C LYS B 79 -19.20 12.84 0.37
N VAL B 80 -19.62 13.22 -0.83
CA VAL B 80 -20.54 14.34 -0.99
C VAL B 80 -21.86 14.05 -0.27
N ALA B 81 -22.33 12.81 -0.40
CA ALA B 81 -23.57 12.40 0.27
C ALA B 81 -23.46 12.56 1.78
N MET B 82 -22.34 12.14 2.33
CA MET B 82 -22.11 12.25 3.77
C MET B 82 -21.98 13.70 4.21
N LEU B 83 -21.35 14.52 3.37
CA LEU B 83 -21.24 15.95 3.65
C LEU B 83 -22.63 16.58 3.75
N ILE B 84 -23.50 16.23 2.80
CA ILE B 84 -24.87 16.72 2.80
C ILE B 84 -25.63 16.28 4.06
N CYS B 85 -25.53 14.99 4.38
CA CYS B 85 -26.23 14.42 5.53
C CYS B 85 -25.79 15.08 6.83
N GLU B 86 -24.49 15.26 7.00
CA GLU B 86 -23.94 15.89 8.20
C GLU B 86 -24.56 17.28 8.40
N ALA B 87 -24.68 18.02 7.31
CA ALA B 87 -25.24 19.37 7.37
C ALA B 87 -26.74 19.34 7.64
N LEU B 88 -27.47 18.49 6.92
CA LEU B 88 -28.91 18.39 7.08
C LEU B 88 -29.28 17.86 8.47
N ASN B 89 -28.51 16.91 8.97
CA ASN B 89 -28.78 16.34 10.30
C ASN B 89 -28.58 17.33 11.42
N SER B 90 -27.80 18.37 11.18
CA SER B 90 -27.56 19.40 12.20
C SER B 90 -28.73 20.35 12.30
N LEU B 91 -29.70 20.20 11.41
CA LEU B 91 -30.82 21.14 11.31
C LEU B 91 -32.06 20.69 12.07
N LYS B 92 -32.14 19.40 12.39
CA LYS B 92 -33.35 18.86 13.00
C LYS B 92 -34.55 19.22 12.15
N VAL B 93 -34.47 18.91 10.86
CA VAL B 93 -35.54 19.17 9.92
C VAL B 93 -36.83 18.47 10.38
N THR B 94 -37.94 19.20 10.33
CA THR B 94 -39.23 18.64 10.72
C THR B 94 -40.10 18.35 9.51
N GLN B 95 -41.26 17.75 9.76
CA GLN B 95 -42.21 17.43 8.71
C GLN B 95 -42.53 18.66 7.88
N ALA B 96 -42.50 19.82 8.51
CA ALA B 96 -42.83 21.08 7.86
C ALA B 96 -41.99 21.34 6.61
N ASN B 97 -40.68 21.27 6.77
CA ASN B 97 -39.75 21.67 5.71
C ASN B 97 -39.07 20.51 4.97
N VAL B 98 -39.26 19.30 5.48
CA VAL B 98 -38.54 18.13 4.98
C VAL B 98 -38.54 17.96 3.46
N SER B 99 -39.66 18.24 2.81
CA SER B 99 -39.79 18.00 1.38
C SER B 99 -39.12 19.10 0.54
N ASN B 100 -39.23 20.34 0.99
CA ASN B 100 -38.59 21.45 0.29
C ASN B 100 -37.07 21.35 0.34
N VAL B 101 -36.54 20.79 1.43
CA VAL B 101 -35.10 20.65 1.60
C VAL B 101 -34.50 19.77 0.52
N LEU B 102 -35.08 18.59 0.33
CA LEU B 102 -34.53 17.62 -0.63
C LEU B 102 -34.75 18.04 -2.08
N SER B 103 -35.68 18.96 -2.32
CA SER B 103 -36.00 19.39 -3.67
C SER B 103 -35.01 20.42 -4.20
N ARG B 104 -34.26 21.06 -3.30
CA ARG B 104 -33.32 22.10 -3.69
C ARG B 104 -32.23 21.58 -4.62
N VAL B 105 -32.10 22.22 -5.79
CA VAL B 105 -31.04 21.89 -6.74
C VAL B 105 -29.77 22.65 -6.38
N VAL B 106 -28.66 21.94 -6.23
CA VAL B 106 -27.41 22.57 -5.83
C VAL B 106 -26.27 22.27 -6.79
N SER B 107 -25.16 22.97 -6.63
CA SER B 107 -23.96 22.67 -7.39
C SER B 107 -23.21 21.51 -6.77
N ILE B 108 -23.20 20.39 -7.48
CA ILE B 108 -22.48 19.20 -7.06
C ILE B 108 -20.98 19.47 -7.00
N ARG B 109 -20.50 20.27 -7.94
CA ARG B 109 -19.07 20.59 -8.01
C ARG B 109 -18.65 21.40 -6.80
N HIS B 110 -19.52 22.32 -6.38
CA HIS B 110 -19.28 23.12 -5.18
C HIS B 110 -19.10 22.18 -3.99
N LEU B 111 -19.90 21.13 -3.93
CA LEU B 111 -19.84 20.18 -2.83
C LEU B 111 -18.59 19.31 -2.86
N GLU B 112 -18.18 18.88 -4.06
CA GLU B 112 -16.95 18.11 -4.17
C GLU B 112 -15.76 18.94 -3.69
N ASN B 113 -15.77 20.23 -4.02
CA ASN B 113 -14.73 21.14 -3.56
C ASN B 113 -14.69 21.29 -2.04
N LEU B 114 -15.86 21.27 -1.42
CA LEU B 114 -15.93 21.32 0.04
C LEU B 114 -15.38 20.06 0.69
N VAL B 115 -15.63 18.92 0.07
CA VAL B 115 -15.04 17.66 0.53
C VAL B 115 -13.51 17.75 0.43
N ILE B 116 -13.03 18.32 -0.65
CA ILE B 116 -11.59 18.48 -0.86
C ILE B 116 -10.97 19.41 0.19
N ARG B 117 -11.69 20.47 0.55
CA ARG B 117 -11.24 21.34 1.65
C ARG B 117 -11.26 20.60 2.98
N LYS B 118 -12.40 19.95 3.26
CA LYS B 118 -12.66 19.28 4.53
C LYS B 118 -11.65 18.18 4.86
N GLU B 119 -11.22 17.44 3.84
CA GLU B 119 -10.35 16.30 4.06
C GLU B 119 -8.86 16.67 4.10
N ASN B 120 -8.57 17.96 3.99
CA ASN B 120 -7.18 18.42 3.97
C ASN B 120 -6.77 19.01 5.31
N PRO B 121 -5.81 18.34 5.99
CA PRO B 121 -5.39 18.73 7.34
C PRO B 121 -4.84 20.16 7.41
N GLN B 122 -4.46 20.72 6.28
CA GLN B 122 -3.97 22.10 6.24
C GLN B 122 -5.11 23.12 6.26
N ASP B 123 -6.31 22.69 5.92
CA ASP B 123 -7.45 23.59 5.74
C ASP B 123 -8.23 23.77 7.04
N ILE B 124 -8.63 25.01 7.33
CA ILE B 124 -9.41 25.30 8.53
C ILE B 124 -10.69 24.47 8.65
N LEU B 125 -11.27 24.10 7.52
CA LEU B 125 -12.49 23.28 7.53
C LEU B 125 -12.23 21.89 8.12
N PHE B 126 -10.99 21.43 8.02
CA PHE B 126 -10.59 20.15 8.60
C PHE B 126 -10.69 20.19 10.12
N HIS B 127 -10.45 21.37 10.69
CA HIS B 127 -10.33 21.52 12.14
C HIS B 127 -11.53 22.17 12.81
N SER B 128 -12.39 22.81 12.02
CA SER B 128 -13.58 23.44 12.57
C SER B 128 -14.87 22.86 11.99
N LYS B 129 -15.56 22.06 12.80
CA LYS B 129 -16.83 21.48 12.37
C LYS B 129 -17.87 22.57 12.15
N ASP B 130 -17.80 23.63 12.95
CA ASP B 130 -18.72 24.75 12.82
C ASP B 130 -18.60 25.45 11.46
N LEU B 131 -17.37 25.71 11.04
CA LEU B 131 -17.15 26.36 9.75
C LEU B 131 -17.50 25.41 8.60
N LEU B 132 -17.23 24.13 8.80
CA LEU B 132 -17.58 23.13 7.79
C LEU B 132 -19.09 23.09 7.58
N LEU B 133 -19.85 23.08 8.68
CA LEU B 133 -21.30 23.09 8.60
C LEU B 133 -21.82 24.37 7.94
N LYS B 134 -21.30 25.52 8.36
CA LYS B 134 -21.68 26.79 7.76
C LYS B 134 -21.42 26.79 6.25
N SER B 135 -20.22 26.36 5.87
CA SER B 135 -19.84 26.34 4.45
C SER B 135 -20.80 25.46 3.66
N THR B 136 -21.13 24.29 4.20
CA THR B 136 -22.03 23.35 3.53
C THR B 136 -23.45 23.89 3.46
N LEU B 137 -23.95 24.40 4.58
CA LEU B 137 -25.30 24.94 4.63
C LEU B 137 -25.50 26.04 3.59
N ILE B 138 -24.46 26.84 3.37
CA ILE B 138 -24.51 27.87 2.34
C ILE B 138 -24.59 27.23 0.95
N ALA B 139 -23.82 26.17 0.75
CA ALA B 139 -23.75 25.51 -0.55
C ALA B 139 -25.04 24.75 -0.91
N ILE B 140 -25.77 24.28 0.11
CA ILE B 140 -26.99 23.53 -0.15
C ILE B 140 -28.26 24.35 0.09
N GLY B 141 -28.10 25.67 0.15
CA GLY B 141 -29.23 26.57 0.23
C GLY B 141 -30.04 26.53 1.50
N GLN B 142 -29.38 26.24 2.62
CA GLN B 142 -30.04 26.21 3.92
C GLN B 142 -29.42 27.21 4.88
N SER B 143 -28.89 28.31 4.32
CA SER B 143 -28.32 29.38 5.12
C SER B 143 -28.51 30.71 4.43
N LYS B 144 -28.64 31.77 5.22
CA LYS B 144 -28.79 33.12 4.67
C LYS B 144 -27.45 33.81 4.58
N GLU B 145 -26.42 33.18 5.13
CA GLU B 145 -25.08 33.76 5.11
C GLU B 145 -24.50 33.79 3.69
N ILE B 146 -23.67 34.79 3.44
CA ILE B 146 -23.01 34.94 2.15
C ILE B 146 -21.68 34.18 2.14
N GLU B 147 -21.41 33.49 1.05
CA GLU B 147 -20.14 32.80 0.89
C GLU B 147 -18.98 33.79 0.90
N THR B 148 -18.04 33.59 1.81
CA THR B 148 -16.83 34.40 1.85
C THR B 148 -15.61 33.49 1.76
N THR B 149 -14.42 34.08 1.87
CA THR B 149 -13.18 33.30 1.76
C THR B 149 -13.16 32.11 2.72
N ILE B 150 -13.44 32.36 4.00
CA ILE B 150 -13.45 31.29 5.00
C ILE B 150 -14.39 30.14 4.62
N THR B 151 -15.55 30.48 4.07
CA THR B 151 -16.54 29.48 3.72
C THR B 151 -16.58 29.17 2.21
N ALA B 152 -15.51 29.55 1.50
CA ALA B 152 -15.47 29.35 0.06
C ALA B 152 -15.54 27.88 -0.33
N GLU B 153 -16.05 27.60 -1.53
CA GLU B 153 -16.09 26.23 -2.02
C GLU B 153 -14.68 25.66 -2.15
N GLY B 154 -13.72 26.51 -2.51
CA GLY B 154 -12.34 26.09 -2.60
C GLY B 154 -11.75 26.17 -4.00
N GLY B 155 -10.70 25.41 -4.23
CA GLY B 155 -9.95 25.48 -5.47
C GLY B 155 -8.51 25.84 -5.17
N GLU B 156 -7.82 26.41 -6.15
CA GLU B 156 -6.42 26.78 -5.97
C GLU B 156 -6.32 28.30 -5.83
N ILE B 157 -5.68 28.76 -4.76
CA ILE B 157 -5.48 30.18 -4.57
C ILE B 157 -4.45 30.71 -5.56
N VAL B 158 -4.84 31.68 -6.38
CA VAL B 158 -3.95 32.26 -7.39
C VAL B 158 -3.66 33.74 -7.16
N PHE B 159 -4.39 34.35 -6.23
CA PHE B 159 -4.11 35.72 -5.81
C PHE B 159 -4.77 35.97 -4.46
N GLN B 160 -4.14 36.79 -3.64
CA GLN B 160 -4.70 37.14 -2.35
C GLN B 160 -4.21 38.51 -1.92
N ASN B 161 -5.12 39.29 -1.33
CA ASN B 161 -4.70 40.49 -0.62
C ASN B 161 -5.58 40.67 0.60
N ALA B 162 -5.46 41.81 1.27
CA ALA B 162 -6.16 42.01 2.53
C ALA B 162 -7.66 41.83 2.39
N ALA B 163 -8.21 42.16 1.22
CA ALA B 163 -9.65 42.18 1.04
C ALA B 163 -10.21 40.99 0.27
N PHE B 164 -9.41 40.40 -0.61
CA PHE B 164 -9.92 39.37 -1.53
C PHE B 164 -9.06 38.11 -1.57
N THR B 165 -9.68 37.01 -1.97
CA THR B 165 -8.96 35.80 -2.31
C THR B 165 -9.51 35.28 -3.64
N MET B 166 -8.61 35.06 -4.59
CA MET B 166 -9.01 34.57 -5.90
C MET B 166 -8.68 33.10 -6.03
N TRP B 167 -9.67 32.32 -6.45
CA TRP B 167 -9.52 30.87 -6.57
C TRP B 167 -9.70 30.43 -8.01
N LYS B 168 -8.87 29.49 -8.45
CA LYS B 168 -9.15 28.80 -9.70
C LYS B 168 -10.04 27.60 -9.42
N LEU B 169 -11.13 27.48 -10.15
CA LEU B 169 -12.03 26.35 -10.00
C LEU B 169 -11.53 25.18 -10.84
N THR B 170 -11.17 24.09 -10.17
CA THR B 170 -10.53 22.97 -10.85
C THR B 170 -11.53 21.90 -11.30
N TYR B 171 -12.65 22.35 -11.86
CA TYR B 171 -13.74 21.47 -12.25
C TYR B 171 -13.35 20.39 -13.26
N LEU B 172 -12.30 20.63 -14.04
CA LEU B 172 -11.86 19.64 -15.03
C LEU B 172 -11.35 18.36 -14.36
N GLU B 173 -10.91 18.48 -13.11
CA GLU B 173 -10.27 17.37 -12.41
C GLU B 173 -11.22 16.64 -11.45
N HIS B 174 -12.46 17.09 -11.37
CA HIS B 174 -13.41 16.51 -10.42
C HIS B 174 -13.77 15.06 -10.75
N GLN B 175 -14.12 14.29 -9.74
CA GLN B 175 -14.49 12.90 -9.92
C GLN B 175 -16.01 12.72 -10.09
N LEU B 176 -16.79 13.44 -9.30
CA LEU B 176 -18.23 13.25 -9.28
C LEU B 176 -18.93 13.80 -10.53
N MET B 177 -18.74 15.07 -10.82
CA MET B 177 -19.33 15.65 -12.02
C MET B 177 -18.43 16.74 -12.61
N PRO B 178 -17.31 16.33 -13.21
CA PRO B 178 -16.38 17.28 -13.81
C PRO B 178 -16.97 17.99 -15.02
N ILE B 179 -16.49 19.19 -15.30
CA ILE B 179 -16.77 19.86 -16.57
C ILE B 179 -16.06 19.06 -17.65
N LEU B 180 -16.76 18.81 -18.76
CA LEU B 180 -16.21 17.96 -19.80
C LEU B 180 -15.52 18.73 -20.92
N ASP B 181 -15.93 19.97 -21.12
CA ASP B 181 -15.28 20.85 -22.10
C ASP B 181 -13.87 21.19 -21.63
N GLN B 182 -12.87 20.59 -22.26
CA GLN B 182 -11.48 20.76 -21.85
C GLN B 182 -10.98 22.18 -22.04
N ASN B 183 -11.79 23.01 -22.70
CA ASN B 183 -11.45 24.42 -22.91
C ASN B 183 -11.85 25.28 -21.70
N PHE B 184 -12.46 24.64 -20.71
CA PHE B 184 -13.02 25.35 -19.55
C PHE B 184 -11.97 25.99 -18.65
N ILE B 185 -12.21 27.26 -18.30
CA ILE B 185 -11.41 27.96 -17.30
C ILE B 185 -12.30 28.97 -16.59
N GLU B 186 -12.31 28.92 -15.27
CA GLU B 186 -13.09 29.87 -14.48
C GLU B 186 -12.45 30.10 -13.11
N TYR B 187 -12.54 31.34 -12.65
CA TYR B 187 -12.04 31.68 -11.31
C TYR B 187 -13.16 32.34 -10.52
N LYS B 188 -12.99 32.42 -9.21
CA LYS B 188 -13.89 33.20 -8.39
C LYS B 188 -13.09 34.03 -7.39
N VAL B 189 -13.58 35.22 -7.09
CA VAL B 189 -12.95 36.05 -6.08
C VAL B 189 -13.91 36.24 -4.92
N THR B 190 -13.57 35.70 -3.76
CA THR B 190 -14.38 35.88 -2.56
C THR B 190 -13.82 37.00 -1.70
N LEU B 191 -14.70 37.70 -0.99
CA LEU B 191 -14.30 38.72 -0.04
C LEU B 191 -13.82 38.04 1.24
N ASN B 192 -12.71 38.52 1.78
CA ASN B 192 -12.19 37.96 3.03
C ASN B 192 -13.10 38.28 4.20
N GLU B 193 -13.72 39.45 4.15
CA GLU B 193 -14.75 39.83 5.11
C GLU B 193 -15.81 40.63 4.37
N ASP B 194 -17.08 40.43 4.73
CA ASP B 194 -18.15 41.20 4.10
C ASP B 194 -18.23 42.58 4.75
N LYS B 195 -17.14 43.34 4.64
CA LYS B 195 -17.06 44.68 5.17
C LYS B 195 -16.69 45.64 4.04
N PRO B 196 -16.85 46.95 4.27
CA PRO B 196 -16.39 47.93 3.27
C PRO B 196 -14.89 47.78 2.99
N ILE B 197 -14.50 48.02 1.74
CA ILE B 197 -13.15 47.76 1.28
C ILE B 197 -12.49 49.03 0.74
N SER B 198 -11.26 49.29 1.16
CA SER B 198 -10.56 50.51 0.76
C SER B 198 -10.29 50.57 -0.73
N ASP B 199 -10.15 51.78 -1.26
CA ASP B 199 -9.86 51.98 -2.68
C ASP B 199 -8.55 51.28 -3.06
N VAL B 200 -7.57 51.35 -2.16
CA VAL B 200 -6.27 50.73 -2.41
C VAL B 200 -6.40 49.22 -2.63
N HIS B 201 -7.21 48.57 -1.80
CA HIS B 201 -7.36 47.12 -1.88
C HIS B 201 -8.19 46.71 -3.09
N VAL B 202 -9.14 47.56 -3.49
CA VAL B 202 -9.90 47.35 -4.71
C VAL B 202 -8.98 47.51 -5.91
N LYS B 203 -8.15 48.55 -5.88
CA LYS B 203 -7.19 48.82 -6.94
C LYS B 203 -6.24 47.66 -7.17
N GLU B 204 -5.79 47.03 -6.08
CA GLU B 204 -4.89 45.89 -6.19
C GLU B 204 -5.53 44.72 -6.93
N LEU B 205 -6.80 44.45 -6.64
CA LEU B 205 -7.51 43.39 -7.34
C LEU B 205 -7.66 43.71 -8.82
N VAL B 206 -8.12 44.92 -9.11
CA VAL B 206 -8.35 45.34 -10.50
C VAL B 206 -7.05 45.27 -11.31
N ALA B 207 -5.95 45.68 -10.70
CA ALA B 207 -4.65 45.64 -11.37
C ALA B 207 -4.26 44.21 -11.74
N GLU B 208 -4.50 43.28 -10.81
CA GLU B 208 -4.19 41.88 -11.07
C GLU B 208 -5.09 41.32 -12.17
N LEU B 209 -6.38 41.65 -12.11
CA LEU B 209 -7.33 41.18 -13.11
C LEU B 209 -7.03 41.71 -14.52
N ARG B 210 -6.66 42.99 -14.61
CA ARG B 210 -6.35 43.59 -15.91
C ARG B 210 -5.06 43.05 -16.50
N TRP B 211 -4.10 42.70 -15.65
CA TRP B 211 -2.81 42.23 -16.12
C TRP B 211 -2.81 40.74 -16.40
N GLN B 212 -3.21 39.95 -15.41
CA GLN B 212 -3.11 38.48 -15.50
C GLN B 212 -4.35 37.83 -16.13
N TYR B 213 -5.48 38.54 -16.12
CA TYR B 213 -6.73 37.96 -16.60
C TYR B 213 -7.48 38.88 -17.56
N ASN B 214 -6.73 39.52 -18.47
CA ASN B 214 -7.29 40.51 -19.37
C ASN B 214 -8.32 39.91 -20.34
N LYS B 215 -8.23 38.61 -20.59
CA LYS B 215 -9.18 37.95 -21.48
C LYS B 215 -10.42 37.42 -20.76
N PHE B 216 -10.57 37.79 -19.50
CA PHE B 216 -11.71 37.32 -18.71
C PHE B 216 -12.62 38.47 -18.29
N ALA B 217 -13.93 38.24 -18.42
CA ALA B 217 -14.94 39.16 -17.92
C ALA B 217 -15.13 38.97 -16.42
N VAL B 218 -15.22 40.09 -15.71
CA VAL B 218 -15.52 40.04 -14.29
C VAL B 218 -17.01 40.24 -14.10
N ILE B 219 -17.71 39.19 -13.67
CA ILE B 219 -19.15 39.27 -13.46
C ILE B 219 -19.51 38.78 -12.07
N THR B 220 -20.81 38.64 -11.82
CA THR B 220 -21.30 38.04 -10.60
C THR B 220 -22.70 37.47 -10.83
N HIS B 221 -23.07 36.48 -10.03
CA HIS B 221 -24.41 35.93 -10.09
C HIS B 221 -25.28 36.48 -8.96
N GLY B 222 -24.75 37.50 -8.28
CA GLY B 222 -25.53 38.24 -7.31
C GLY B 222 -25.47 37.69 -5.90
N LYS B 223 -24.67 36.64 -5.71
CA LYS B 223 -24.62 35.95 -4.41
C LYS B 223 -23.47 36.41 -3.51
N GLY B 224 -22.79 37.49 -3.88
CA GLY B 224 -21.80 38.09 -3.01
C GLY B 224 -20.34 37.91 -3.37
N HIS B 225 -20.06 37.29 -4.50
CA HIS B 225 -18.66 37.16 -4.94
C HIS B 225 -18.50 37.38 -6.45
N TYR B 226 -17.27 37.56 -6.88
CA TYR B 226 -16.98 37.78 -8.29
C TYR B 226 -16.69 36.46 -9.00
N ARG B 227 -17.17 36.35 -10.23
CA ARG B 227 -16.85 35.20 -11.06
C ARG B 227 -16.08 35.69 -12.28
N ILE B 228 -14.92 35.08 -12.51
CA ILE B 228 -14.03 35.51 -13.59
C ILE B 228 -14.13 34.50 -14.72
N VAL B 229 -14.78 34.91 -15.81
CA VAL B 229 -15.18 33.97 -16.86
C VAL B 229 -14.70 34.45 -18.23
N LYS B 230 -14.56 33.52 -19.17
CA LYS B 230 -14.17 33.88 -20.52
C LYS B 230 -15.26 34.74 -21.14
N TYR B 231 -14.87 35.79 -21.84
CA TYR B 231 -15.85 36.66 -22.50
C TYR B 231 -16.78 35.85 -23.38
N SER B 232 -16.27 34.76 -23.93
CA SER B 232 -17.05 33.90 -24.82
C SER B 232 -18.12 33.09 -24.08
N SER B 233 -18.14 33.17 -22.75
CA SER B 233 -19.12 32.43 -21.97
C SER B 233 -20.16 33.34 -21.33
N VAL B 234 -19.97 34.65 -21.49
CA VAL B 234 -20.80 35.64 -20.81
C VAL B 234 -22.29 35.54 -21.13
N ALA B 235 -22.63 35.40 -22.41
CA ALA B 235 -24.03 35.32 -22.84
C ALA B 235 -24.74 34.16 -22.16
N ASN B 236 -24.04 33.04 -22.00
CA ASN B 236 -24.59 31.88 -21.32
C ASN B 236 -24.82 32.16 -19.83
N HIS B 237 -23.86 32.83 -19.20
CA HIS B 237 -24.01 33.23 -17.80
C HIS B 237 -25.24 34.14 -17.65
N ALA B 238 -25.40 35.05 -18.61
CA ALA B 238 -26.53 35.98 -18.60
C ALA B 238 -27.86 35.22 -18.60
N ASP B 239 -27.96 34.19 -19.44
CA ASP B 239 -29.18 33.39 -19.53
C ASP B 239 -29.47 32.68 -18.21
N ARG B 240 -28.46 32.05 -17.64
CA ARG B 240 -28.62 31.34 -16.38
C ARG B 240 -29.04 32.31 -15.28
N VAL B 241 -28.37 33.46 -15.23
CA VAL B 241 -28.65 34.46 -14.19
C VAL B 241 -30.07 35.00 -14.29
N TYR B 242 -30.52 35.32 -15.51
CA TYR B 242 -31.85 35.87 -15.69
C TYR B 242 -32.93 34.83 -15.36
N ALA B 243 -32.72 33.60 -15.83
CA ALA B 243 -33.66 32.52 -15.56
C ALA B 243 -33.86 32.31 -14.06
N THR B 244 -32.78 32.42 -13.31
CA THR B 244 -32.85 32.28 -11.85
C THR B 244 -33.58 33.45 -11.22
N PHE B 245 -33.28 34.66 -11.70
CA PHE B 245 -33.93 35.87 -11.23
C PHE B 245 -35.42 35.80 -11.52
N LYS B 246 -35.76 35.54 -12.77
CA LYS B 246 -37.15 35.41 -13.20
C LYS B 246 -37.87 34.32 -12.42
N SER B 247 -37.18 33.21 -12.18
CA SER B 247 -37.77 32.09 -11.46
C SER B 247 -38.04 32.43 -10.00
N ASN B 248 -37.11 33.13 -9.36
CA ASN B 248 -37.29 33.56 -7.97
C ASN B 248 -38.47 34.51 -7.82
N VAL B 249 -38.60 35.44 -8.78
CA VAL B 249 -39.75 36.33 -8.81
C VAL B 249 -41.03 35.51 -8.83
N LYS B 250 -41.13 34.62 -9.82
CA LYS B 250 -42.33 33.82 -10.03
C LYS B 250 -42.61 32.85 -8.88
N THR B 251 -41.57 32.50 -8.13
CA THR B 251 -41.73 31.54 -7.03
C THR B 251 -41.73 32.23 -5.67
N GLY B 252 -41.95 33.54 -5.66
CA GLY B 252 -42.07 34.28 -4.42
C GLY B 252 -40.77 34.45 -3.66
N VAL B 253 -39.80 33.60 -3.95
CA VAL B 253 -38.48 33.68 -3.33
C VAL B 253 -37.85 35.03 -3.62
N ASN B 254 -37.22 35.64 -2.61
CA ASN B 254 -36.55 36.92 -2.79
C ASN B 254 -35.28 36.79 -3.60
N ASN B 255 -34.99 37.81 -4.41
CA ASN B 255 -33.81 37.79 -5.27
C ASN B 255 -32.54 38.27 -4.56
N ASP B 256 -32.56 39.49 -4.05
CA ASP B 256 -31.42 40.04 -3.30
C ASP B 256 -30.14 40.06 -4.15
N PHE B 257 -30.26 40.44 -5.41
CA PHE B 257 -29.11 40.42 -6.30
C PHE B 257 -28.12 41.53 -5.97
N ASN B 258 -26.97 41.15 -5.41
CA ASN B 258 -25.89 42.10 -5.15
C ASN B 258 -25.08 42.37 -6.41
N LEU B 259 -25.22 43.56 -6.93
CA LEU B 259 -24.55 43.94 -8.12
C LEU B 259 -23.02 43.98 -7.96
N LEU B 260 -22.53 44.17 -6.75
CA LEU B 260 -21.11 44.30 -6.43
C LEU B 260 -20.51 45.61 -6.99
N ASP B 261 -19.21 45.75 -6.97
CA ASP B 261 -18.56 47.00 -7.21
C ASP B 261 -18.44 47.31 -8.69
N GLN B 262 -19.04 48.42 -9.05
CA GLN B 262 -19.07 48.86 -10.44
C GLN B 262 -17.67 49.17 -11.00
N ARG B 263 -16.71 49.41 -10.11
CA ARG B 263 -15.34 49.67 -10.52
C ARG B 263 -14.58 48.38 -10.84
N ILE B 264 -15.22 47.25 -10.57
CA ILE B 264 -14.59 45.95 -10.76
C ILE B 264 -15.31 45.13 -11.82
N ILE B 265 -16.63 45.03 -11.67
CA ILE B 265 -17.50 44.35 -12.62
C ILE B 265 -17.36 44.92 -14.03
N TRP B 266 -17.35 44.04 -15.02
CA TRP B 266 -17.36 44.47 -16.42
C TRP B 266 -18.55 45.39 -16.69
N GLN B 267 -18.29 46.51 -17.34
CA GLN B 267 -19.30 47.53 -17.59
C GLN B 267 -20.61 46.97 -18.16
N ASN B 268 -20.48 46.14 -19.20
CA ASN B 268 -21.67 45.57 -19.85
C ASN B 268 -22.47 44.65 -18.93
N TRP B 269 -21.76 43.87 -18.10
CA TRP B 269 -22.45 42.99 -17.16
C TRP B 269 -23.18 43.81 -16.12
N TYR B 270 -22.56 44.88 -15.66
CA TYR B 270 -23.18 45.74 -14.67
C TYR B 270 -24.47 46.33 -15.23
N ALA B 271 -24.39 46.83 -16.46
CA ALA B 271 -25.57 47.39 -17.13
C ALA B 271 -26.67 46.35 -17.26
N PHE B 272 -26.31 45.17 -17.72
CA PHE B 272 -27.25 44.07 -17.92
C PHE B 272 -27.97 43.69 -16.63
N THR B 273 -27.22 43.45 -15.57
CA THR B 273 -27.79 43.04 -14.29
C THR B 273 -28.56 44.18 -13.61
N SER B 274 -28.10 45.41 -13.82
CA SER B 274 -28.82 46.58 -13.32
C SER B 274 -30.20 46.66 -13.98
N SER B 275 -30.21 46.53 -15.30
CA SER B 275 -31.46 46.53 -16.06
C SER B 275 -32.35 45.37 -15.61
N MET B 276 -31.73 44.24 -15.32
CA MET B 276 -32.48 43.07 -14.83
C MET B 276 -33.16 43.40 -13.51
N LYS B 277 -32.40 43.96 -12.57
CA LYS B 277 -32.95 44.31 -11.26
C LYS B 277 -34.07 45.33 -11.38
N GLN B 278 -34.10 46.05 -12.50
CA GLN B 278 -35.10 47.10 -12.71
C GLN B 278 -36.39 46.55 -13.29
N GLY B 279 -36.40 45.25 -13.62
CA GLY B 279 -37.61 44.59 -14.04
C GLY B 279 -37.79 44.44 -15.53
N ASN B 280 -36.75 44.78 -16.31
CA ASN B 280 -36.84 44.71 -17.76
C ASN B 280 -36.81 43.28 -18.28
N THR B 281 -37.23 43.11 -19.54
CA THR B 281 -37.27 41.79 -20.16
C THR B 281 -35.87 41.30 -20.52
N LEU B 282 -35.75 40.00 -20.75
CA LEU B 282 -34.46 39.41 -21.14
C LEU B 282 -33.91 40.09 -22.39
N ASP B 283 -34.79 40.33 -23.36
CA ASP B 283 -34.39 40.97 -24.61
C ASP B 283 -33.77 42.34 -24.35
N VAL B 284 -34.39 43.12 -23.48
CA VAL B 284 -33.89 44.45 -23.14
C VAL B 284 -32.59 44.40 -22.32
N CYS B 285 -32.58 43.54 -21.30
CA CYS B 285 -31.40 43.35 -20.46
C CYS B 285 -30.22 42.84 -21.26
N LYS B 286 -30.43 41.72 -21.95
CA LYS B 286 -29.36 40.98 -22.59
C LYS B 286 -28.67 41.73 -23.73
N ARG B 287 -29.42 42.59 -24.43
CA ARG B 287 -28.83 43.32 -25.55
C ARG B 287 -27.76 44.30 -25.10
N LEU B 288 -27.82 44.71 -23.83
CA LEU B 288 -26.81 45.59 -23.26
C LEU B 288 -25.44 44.90 -23.19
N LEU B 289 -25.45 43.57 -23.22
CA LEU B 289 -24.22 42.79 -23.23
C LEU B 289 -23.45 42.97 -24.54
N PHE B 290 -24.18 43.21 -25.63
CA PHE B 290 -23.58 43.22 -26.95
C PHE B 290 -23.36 44.62 -27.51
N GLN B 291 -23.66 45.64 -26.69
CA GLN B 291 -23.50 47.02 -27.13
C GLN B 291 -22.12 47.57 -26.75
N LYS B 292 -21.45 48.16 -27.72
CA LYS B 292 -20.19 48.86 -27.46
C LYS B 292 -20.53 50.14 -26.70
N MET B 293 -20.17 50.19 -25.43
CA MET B 293 -20.59 51.28 -24.56
C MET B 293 -19.59 52.43 -24.50
N LYS B 294 -20.11 53.63 -24.22
CA LYS B 294 -19.28 54.79 -23.97
C LYS B 294 -18.49 54.53 -22.70
N PRO B 295 -17.16 54.48 -22.80
CA PRO B 295 -16.30 54.13 -21.67
C PRO B 295 -16.62 54.97 -20.43
N GLU B 296 -16.78 54.32 -19.29
CA GLU B 296 -17.00 55.02 -18.03
C GLU B 296 -15.69 55.61 -17.55
N LYS B 297 -15.77 56.65 -16.74
CA LYS B 297 -14.57 57.26 -16.17
C LYS B 297 -13.73 56.19 -15.46
N ASN B 298 -12.55 55.91 -16.01
CA ASN B 298 -11.66 54.93 -15.43
C ASN B 298 -11.27 55.32 -13.99
N PRO B 299 -11.75 54.54 -13.01
CA PRO B 299 -11.52 54.84 -11.59
C PRO B 299 -10.03 54.77 -11.26
N PHE B 300 -9.31 53.90 -11.94
CA PHE B 300 -7.88 53.71 -11.67
C PHE B 300 -7.08 53.71 -12.98
N LYS B 301 -6.82 54.89 -13.53
CA LYS B 301 -6.01 54.99 -14.73
C LYS B 301 -4.55 54.68 -14.43
N GLY B 302 -3.89 53.99 -15.37
CA GLY B 302 -2.46 53.74 -15.28
C GLY B 302 -2.07 52.50 -14.51
N LEU B 303 -3.04 51.66 -14.17
CA LEU B 303 -2.75 50.42 -13.44
C LEU B 303 -1.90 49.47 -14.27
N SER B 304 -2.24 49.35 -15.56
CA SER B 304 -1.51 48.46 -16.46
C SER B 304 -0.08 48.91 -16.63
N THR B 305 0.14 50.22 -16.74
CA THR B 305 1.47 50.77 -16.91
C THR B 305 2.36 50.50 -15.69
N ASP B 306 1.78 50.63 -14.51
CA ASP B 306 2.52 50.39 -13.27
C ASP B 306 3.04 48.97 -13.20
N ARG B 307 2.20 48.00 -13.56
CA ARG B 307 2.63 46.60 -13.57
C ARG B 307 3.72 46.36 -14.60
N LYS B 308 3.57 46.95 -15.78
CA LYS B 308 4.57 46.85 -16.82
C LYS B 308 5.92 47.30 -16.29
N MET B 309 5.95 48.48 -15.69
CA MET B 309 7.19 49.05 -15.17
C MET B 309 7.77 48.20 -14.05
N ASP B 310 6.91 47.66 -13.21
CA ASP B 310 7.34 46.74 -12.15
C ASP B 310 8.00 45.50 -12.75
N GLU B 311 7.42 44.99 -13.83
CA GLU B 311 7.96 43.81 -14.51
C GLU B 311 9.32 44.07 -15.14
N VAL B 312 9.47 45.23 -15.77
CA VAL B 312 10.72 45.57 -16.44
C VAL B 312 11.85 45.77 -15.44
N SER B 313 11.50 46.11 -14.21
CA SER B 313 12.50 46.28 -13.16
C SER B 313 12.27 45.33 -11.99
N ALA C 2 -18.47 -29.32 -6.19
CA ALA C 2 -17.67 -30.23 -5.38
C ALA C 2 -18.38 -30.58 -4.08
N GLU C 3 -17.89 -31.62 -3.40
CA GLU C 3 -18.42 -32.02 -2.12
C GLU C 3 -17.99 -31.03 -1.04
N LEU C 4 -18.79 -30.92 0.02
CA LEU C 4 -18.46 -30.05 1.13
C LEU C 4 -17.17 -30.50 1.80
N ALA C 5 -16.88 -31.79 1.70
CA ALA C 5 -15.68 -32.38 2.31
C ALA C 5 -14.40 -31.92 1.62
N CYS C 6 -14.55 -31.14 0.55
CA CYS C 6 -13.40 -30.59 -0.15
C CYS C 6 -12.95 -29.29 0.48
N PHE C 7 -13.73 -28.78 1.43
CA PHE C 7 -13.45 -27.49 2.03
C PHE C 7 -13.15 -27.55 3.52
N CYS C 8 -13.70 -28.54 4.20
CA CYS C 8 -13.55 -28.62 5.65
C CYS C 8 -13.69 -30.05 6.16
N TYR C 9 -13.25 -30.26 7.41
CA TYR C 9 -13.36 -31.56 8.05
C TYR C 9 -13.98 -31.39 9.42
N PRO C 10 -14.65 -32.44 9.92
CA PRO C 10 -15.30 -32.35 11.23
C PRO C 10 -14.34 -32.67 12.37
N HIS C 11 -14.43 -31.89 13.44
CA HIS C 11 -13.65 -32.13 14.65
C HIS C 11 -14.59 -32.11 15.84
N LEU C 12 -14.64 -33.21 16.58
CA LEU C 12 -15.56 -33.32 17.70
C LEU C 12 -15.07 -32.51 18.90
N GLU C 13 -15.87 -31.53 19.30
CA GLU C 13 -15.68 -30.76 20.54
C GLU C 13 -16.94 -30.93 21.35
N ASN C 14 -16.81 -31.35 22.60
CA ASN C 14 -17.96 -31.55 23.49
C ASN C 14 -19.08 -32.37 22.88
N ASP C 15 -20.29 -31.82 22.94
CA ASP C 15 -21.49 -32.46 22.46
C ASP C 15 -21.41 -32.76 20.95
N SER C 16 -20.87 -31.85 20.15
CA SER C 16 -20.98 -32.01 18.69
C SER C 16 -19.82 -31.51 17.83
N TYR C 17 -19.94 -31.80 16.54
CA TYR C 17 -18.91 -31.50 15.58
C TYR C 17 -18.75 -30.03 15.22
N LYS C 18 -17.51 -29.61 15.20
CA LYS C 18 -17.11 -28.30 14.70
C LYS C 18 -16.35 -28.49 13.39
N PHE C 19 -16.74 -27.73 12.37
CA PHE C 19 -16.14 -27.88 11.05
C PHE C 19 -15.02 -26.86 10.84
N ILE C 20 -13.87 -27.35 10.42
CA ILE C 20 -12.68 -26.52 10.29
C ILE C 20 -12.17 -26.56 8.86
N PRO C 21 -11.86 -25.38 8.30
CA PRO C 21 -11.39 -25.27 6.91
C PRO C 21 -9.97 -25.82 6.70
N PHE C 22 -9.72 -26.36 5.52
CA PHE C 22 -8.39 -26.89 5.19
C PHE C 22 -7.40 -25.77 4.91
N ASN C 23 -6.14 -26.00 5.28
CA ASN C 23 -5.05 -25.16 4.81
C ASN C 23 -4.71 -25.58 3.38
N ASN C 24 -4.49 -24.62 2.49
CA ASN C 24 -4.24 -24.97 1.09
C ASN C 24 -2.95 -25.77 0.87
N LEU C 25 -1.97 -25.60 1.77
CA LEU C 25 -0.74 -26.37 1.68
C LEU C 25 -0.93 -27.81 2.16
N ALA C 26 -1.94 -28.02 2.99
CA ALA C 26 -2.32 -29.36 3.42
C ALA C 26 -2.90 -30.12 2.23
N ILE C 27 -3.78 -29.45 1.49
CA ILE C 27 -4.31 -30.01 0.26
C ILE C 27 -3.19 -30.30 -0.74
N LYS C 28 -2.29 -29.34 -0.89
CA LYS C 28 -1.16 -29.48 -1.81
C LYS C 28 -0.30 -30.70 -1.45
N ALA C 29 -0.11 -30.94 -0.17
CA ALA C 29 0.64 -32.11 0.29
C ALA C 29 -0.11 -33.40 -0.05
N MET C 30 -1.40 -33.42 0.23
CA MET C 30 -2.22 -34.59 -0.05
C MET C 30 -2.14 -34.99 -1.53
N LEU C 31 -2.07 -34.00 -2.40
CA LEU C 31 -1.99 -34.24 -3.84
C LEU C 31 -0.70 -34.96 -4.26
N THR C 32 0.33 -34.90 -3.41
CA THR C 32 1.58 -35.58 -3.69
C THR C 32 1.70 -36.91 -2.94
N ALA C 33 0.69 -37.22 -2.13
CA ALA C 33 0.78 -38.35 -1.20
C ALA C 33 0.54 -39.71 -1.83
N LYS C 34 1.29 -40.71 -1.35
CA LYS C 34 1.04 -42.11 -1.67
C LYS C 34 0.16 -42.69 -0.57
N VAL C 35 -1.06 -43.07 -0.93
CA VAL C 35 -2.05 -43.50 0.05
C VAL C 35 -2.60 -44.90 -0.26
N ASP C 36 -2.80 -45.71 0.78
CA ASP C 36 -3.38 -47.04 0.61
C ASP C 36 -4.81 -46.94 0.09
N LYS C 37 -5.20 -47.88 -0.77
CA LYS C 37 -6.53 -47.91 -1.35
C LYS C 37 -7.63 -47.73 -0.30
N LYS C 38 -7.47 -48.42 0.82
CA LYS C 38 -8.49 -48.43 1.86
C LYS C 38 -8.62 -47.09 2.57
N ASP C 39 -7.60 -46.25 2.42
CA ASP C 39 -7.57 -44.96 3.11
C ASP C 39 -7.98 -43.80 2.20
N MET C 40 -8.37 -44.11 0.97
CA MET C 40 -8.73 -43.09 0.01
C MET C 40 -9.90 -42.22 0.46
N ASP C 41 -10.76 -42.76 1.31
CA ASP C 41 -11.95 -42.03 1.77
C ASP C 41 -11.78 -41.43 3.15
N LYS C 42 -10.56 -41.50 3.69
CA LYS C 42 -10.28 -40.93 5.00
C LYS C 42 -9.64 -39.55 4.89
N PHE C 43 -9.81 -38.73 5.90
CA PHE C 43 -9.15 -37.41 5.91
C PHE C 43 -7.65 -37.62 6.08
N TYR C 44 -6.87 -36.79 5.41
CA TYR C 44 -5.43 -36.99 5.29
C TYR C 44 -4.63 -36.07 6.21
N ASP C 45 -3.60 -36.61 6.83
CA ASP C 45 -2.74 -35.84 7.72
C ASP C 45 -1.42 -35.41 7.06
N SER C 46 -1.28 -34.13 6.80
CA SER C 46 -0.12 -33.60 6.14
C SER C 46 1.08 -33.40 7.04
N ILE C 47 0.87 -33.54 8.34
CA ILE C 47 1.89 -33.39 9.35
C ILE C 47 2.32 -31.97 9.59
N ILE C 48 2.76 -31.32 8.55
CA ILE C 48 3.10 -29.94 8.54
C ILE C 48 1.98 -28.89 8.56
N TYR C 49 0.93 -29.14 7.79
CA TYR C 49 -0.09 -28.12 7.55
C TYR C 49 -1.49 -28.54 8.00
N GLY C 50 -1.57 -29.55 8.85
CA GLY C 50 -2.84 -29.99 9.39
C GLY C 50 -3.57 -30.98 8.50
N ILE C 51 -4.85 -31.18 8.77
CA ILE C 51 -5.65 -32.18 8.07
C ILE C 51 -6.02 -31.73 6.67
N ALA C 52 -6.11 -32.69 5.75
CA ALA C 52 -6.44 -32.43 4.36
C ALA C 52 -7.64 -33.25 3.93
N PRO C 53 -8.25 -32.92 2.78
CA PRO C 53 -9.39 -33.69 2.29
C PRO C 53 -9.01 -35.12 1.89
N PRO C 54 -9.98 -36.03 1.87
CA PRO C 54 -9.72 -37.41 1.43
C PRO C 54 -9.16 -37.44 0.03
N PRO C 55 -8.09 -38.22 -0.20
CA PRO C 55 -7.39 -38.33 -1.48
C PRO C 55 -8.33 -38.74 -2.62
N GLN C 56 -9.47 -39.34 -2.30
CA GLN C 56 -10.43 -39.73 -3.32
C GLN C 56 -10.96 -38.51 -4.08
N PHE C 57 -10.78 -37.32 -3.49
CA PHE C 57 -11.26 -36.08 -4.08
C PHE C 57 -10.20 -35.32 -4.87
N LYS C 58 -9.08 -35.98 -5.15
CA LYS C 58 -7.96 -35.32 -5.83
C LYS C 58 -8.35 -34.51 -7.06
N LYS C 59 -9.25 -35.04 -7.87
CA LYS C 59 -9.62 -34.38 -9.13
C LYS C 59 -10.46 -33.12 -8.95
N ARG C 60 -10.87 -32.84 -7.72
CA ARG C 60 -11.60 -31.61 -7.42
C ARG C 60 -10.66 -30.42 -7.41
N TYR C 61 -9.36 -30.68 -7.43
CA TYR C 61 -8.36 -29.62 -7.28
C TYR C 61 -7.50 -29.44 -8.52
N ASN C 62 -7.38 -28.20 -8.97
CA ASN C 62 -6.55 -27.87 -10.11
C ASN C 62 -5.07 -28.03 -9.81
N THR C 63 -4.36 -28.69 -10.73
CA THR C 63 -2.92 -28.84 -10.64
C THR C 63 -2.35 -28.61 -12.03
N ASN C 64 -1.07 -28.89 -12.21
CA ASN C 64 -0.47 -28.78 -13.53
C ASN C 64 -1.20 -29.66 -14.54
N ASP C 65 -1.59 -30.86 -14.10
CA ASP C 65 -2.21 -31.83 -14.99
C ASP C 65 -3.74 -31.86 -14.90
N ASN C 66 -4.32 -30.90 -14.19
CA ASN C 66 -5.77 -30.84 -14.04
C ASN C 66 -6.31 -29.42 -14.05
N SER C 67 -7.25 -29.14 -14.95
CA SER C 67 -7.85 -27.82 -15.06
C SER C 67 -9.35 -27.87 -14.86
N ARG C 68 -9.84 -29.04 -14.44
CA ARG C 68 -11.27 -29.27 -14.31
C ARG C 68 -11.77 -29.07 -12.88
N GLY C 69 -10.86 -28.76 -11.96
CA GLY C 69 -11.22 -28.58 -10.57
C GLY C 69 -11.26 -27.14 -10.12
N MET C 70 -10.93 -26.91 -8.85
CA MET C 70 -10.96 -25.57 -8.28
C MET C 70 -9.55 -25.05 -7.97
N ASN C 71 -9.39 -23.74 -7.98
CA ASN C 71 -8.12 -23.12 -7.63
C ASN C 71 -8.04 -22.92 -6.12
N PHE C 72 -7.59 -23.97 -5.43
CA PHE C 72 -7.67 -24.04 -3.97
C PHE C 72 -6.63 -23.17 -3.26
N GLU C 73 -5.67 -22.65 -4.01
CA GLU C 73 -4.63 -21.82 -3.42
C GLU C 73 -4.97 -20.34 -3.40
N THR C 74 -6.13 -19.98 -3.93
CA THR C 74 -6.59 -18.61 -3.90
C THR C 74 -7.19 -18.27 -2.53
N ILE C 75 -7.34 -16.99 -2.25
CA ILE C 75 -7.94 -16.57 -0.99
C ILE C 75 -9.43 -16.89 -0.97
N MET C 76 -10.05 -16.94 -2.15
CA MET C 76 -11.47 -17.26 -2.23
C MET C 76 -11.77 -18.66 -1.71
N PHE C 77 -10.84 -19.60 -1.91
CA PHE C 77 -11.00 -20.94 -1.36
C PHE C 77 -11.20 -20.84 0.15
N THR C 78 -10.33 -20.08 0.80
CA THR C 78 -10.39 -19.93 2.26
C THR C 78 -11.70 -19.27 2.69
N LYS C 79 -12.11 -18.23 1.97
CA LYS C 79 -13.36 -17.52 2.26
C LYS C 79 -14.59 -18.43 2.08
N VAL C 80 -14.61 -19.19 1.00
CA VAL C 80 -15.70 -20.14 0.78
C VAL C 80 -15.72 -21.20 1.87
N ALA C 81 -14.55 -21.70 2.24
CA ALA C 81 -14.42 -22.71 3.29
C ALA C 81 -14.97 -22.19 4.61
N MET C 82 -14.59 -20.97 4.97
CA MET C 82 -15.05 -20.36 6.21
C MET C 82 -16.56 -20.14 6.19
N LEU C 83 -17.08 -19.76 5.02
CA LEU C 83 -18.52 -19.56 4.88
C LEU C 83 -19.28 -20.86 5.13
N ILE C 84 -18.79 -21.94 4.53
CA ILE C 84 -19.37 -23.25 4.74
C ILE C 84 -19.30 -23.63 6.22
N CYS C 85 -18.14 -23.43 6.82
CA CYS C 85 -17.94 -23.79 8.22
C CYS C 85 -18.87 -23.03 9.16
N GLU C 86 -19.02 -21.72 8.94
CA GLU C 86 -19.89 -20.93 9.79
C GLU C 86 -21.33 -21.43 9.73
N ALA C 87 -21.78 -21.79 8.53
CA ALA C 87 -23.13 -22.32 8.37
C ALA C 87 -23.28 -23.69 9.04
N LEU C 88 -22.33 -24.58 8.78
CA LEU C 88 -22.36 -25.92 9.37
C LEU C 88 -22.27 -25.88 10.89
N ASN C 89 -21.47 -24.96 11.42
CA ASN C 89 -21.29 -24.86 12.87
C ASN C 89 -22.52 -24.35 13.61
N SER C 90 -23.50 -23.84 12.86
CA SER C 90 -24.72 -23.33 13.47
C SER C 90 -25.76 -24.44 13.59
N LEU C 91 -25.47 -25.59 12.97
CA LEU C 91 -26.45 -26.67 12.88
C LEU C 91 -26.37 -27.67 14.02
N LYS C 92 -25.24 -27.70 14.73
CA LYS C 92 -25.02 -28.74 15.72
C LYS C 92 -25.24 -30.11 15.08
N VAL C 93 -24.44 -30.40 14.06
CA VAL C 93 -24.56 -31.65 13.32
C VAL C 93 -24.25 -32.83 14.24
N THR C 94 -24.98 -33.92 14.07
CA THR C 94 -24.81 -35.10 14.92
C THR C 94 -23.90 -36.13 14.28
N GLN C 95 -23.43 -37.06 15.11
CA GLN C 95 -22.64 -38.19 14.64
C GLN C 95 -23.32 -38.87 13.46
N ALA C 96 -24.62 -39.10 13.58
CA ALA C 96 -25.38 -39.84 12.58
C ALA C 96 -25.49 -39.11 11.24
N ASN C 97 -25.22 -37.81 11.24
CA ASN C 97 -25.42 -36.99 10.05
C ASN C 97 -24.14 -36.46 9.40
N VAL C 98 -23.06 -36.39 10.18
CA VAL C 98 -21.84 -35.73 9.73
C VAL C 98 -21.35 -36.18 8.36
N SER C 99 -21.37 -37.49 8.11
CA SER C 99 -20.84 -38.02 6.85
C SER C 99 -21.68 -37.62 5.64
N ASN C 100 -23.01 -37.68 5.80
CA ASN C 100 -23.91 -37.29 4.73
C ASN C 100 -23.83 -35.79 4.42
N VAL C 101 -23.77 -34.98 5.46
CA VAL C 101 -23.65 -33.54 5.31
C VAL C 101 -22.48 -33.18 4.39
N LEU C 102 -21.33 -33.80 4.63
CA LEU C 102 -20.11 -33.47 3.91
C LEU C 102 -20.04 -34.09 2.52
N SER C 103 -20.86 -35.11 2.26
CA SER C 103 -20.85 -35.78 0.96
C SER C 103 -21.64 -35.00 -0.08
N ARG C 104 -22.37 -33.99 0.37
CA ARG C 104 -23.21 -33.20 -0.53
C ARG C 104 -22.41 -32.42 -1.56
N VAL C 105 -22.73 -32.63 -2.84
CA VAL C 105 -22.14 -31.87 -3.92
C VAL C 105 -22.89 -30.55 -4.10
N VAL C 106 -22.17 -29.44 -4.01
CA VAL C 106 -22.79 -28.12 -4.13
C VAL C 106 -22.13 -27.30 -5.24
N SER C 107 -22.75 -26.17 -5.58
CA SER C 107 -22.16 -25.25 -6.53
C SER C 107 -21.17 -24.33 -5.82
N ILE C 108 -19.90 -24.48 -6.17
CA ILE C 108 -18.83 -23.65 -5.65
C ILE C 108 -19.00 -22.19 -6.08
N ARG C 109 -19.44 -22.01 -7.32
CA ARG C 109 -19.67 -20.68 -7.86
C ARG C 109 -20.74 -19.94 -7.07
N HIS C 110 -21.82 -20.66 -6.75
CA HIS C 110 -22.88 -20.11 -5.92
C HIS C 110 -22.29 -19.62 -4.60
N LEU C 111 -21.35 -20.39 -4.04
CA LEU C 111 -20.73 -20.03 -2.77
C LEU C 111 -19.80 -18.82 -2.89
N GLU C 112 -19.02 -18.76 -3.95
CA GLU C 112 -18.17 -17.59 -4.19
C GLU C 112 -19.03 -16.33 -4.29
N ASN C 113 -20.16 -16.45 -4.98
CA ASN C 113 -21.08 -15.32 -5.11
C ASN C 113 -21.63 -14.86 -3.77
N LEU C 114 -21.91 -15.81 -2.89
CA LEU C 114 -22.38 -15.48 -1.55
C LEU C 114 -21.29 -14.75 -0.76
N VAL C 115 -20.05 -15.19 -0.92
CA VAL C 115 -18.92 -14.49 -0.32
C VAL C 115 -18.86 -13.05 -0.83
N ILE C 116 -19.03 -12.88 -2.14
CA ILE C 116 -19.03 -11.56 -2.75
C ILE C 116 -20.15 -10.68 -2.18
N ARG C 117 -21.32 -11.28 -1.96
CA ARG C 117 -22.42 -10.57 -1.32
C ARG C 117 -22.07 -10.17 0.11
N LYS C 118 -21.64 -11.13 0.91
CA LYS C 118 -21.49 -10.92 2.35
C LYS C 118 -20.35 -9.96 2.72
N GLU C 119 -19.36 -9.83 1.84
CA GLU C 119 -18.23 -8.93 2.11
C GLU C 119 -18.48 -7.49 1.63
N ASN C 120 -19.63 -7.26 1.03
CA ASN C 120 -19.98 -5.94 0.52
C ASN C 120 -20.88 -5.18 1.49
N PRO C 121 -20.36 -4.11 2.10
CA PRO C 121 -21.11 -3.38 3.13
C PRO C 121 -22.41 -2.75 2.61
N GLN C 122 -22.58 -2.69 1.29
CA GLN C 122 -23.83 -2.21 0.72
C GLN C 122 -24.91 -3.28 0.81
N ASP C 123 -24.47 -4.54 0.86
CA ASP C 123 -25.37 -5.69 0.77
C ASP C 123 -25.95 -6.04 2.14
N ILE C 124 -27.22 -6.45 2.16
CA ILE C 124 -27.90 -6.81 3.40
C ILE C 124 -27.25 -7.99 4.12
N LEU C 125 -26.59 -8.86 3.36
CA LEU C 125 -25.95 -10.03 3.95
C LEU C 125 -24.77 -9.65 4.84
N PHE C 126 -24.17 -8.50 4.53
CA PHE C 126 -23.08 -7.96 5.33
C PHE C 126 -23.57 -7.60 6.74
N HIS C 127 -24.84 -7.18 6.82
CA HIS C 127 -25.38 -6.64 8.06
C HIS C 127 -26.30 -7.60 8.81
N SER C 128 -26.60 -8.75 8.21
CA SER C 128 -27.47 -9.73 8.85
C SER C 128 -26.88 -11.14 8.82
N LYS C 129 -26.35 -11.58 9.95
CA LYS C 129 -25.83 -12.94 10.06
C LYS C 129 -26.93 -13.95 9.82
N ASP C 130 -28.14 -13.64 10.27
CA ASP C 130 -29.29 -14.51 10.08
C ASP C 130 -29.56 -14.77 8.61
N LEU C 131 -29.67 -13.70 7.83
CA LEU C 131 -29.90 -13.83 6.39
C LEU C 131 -28.73 -14.53 5.70
N LEU C 132 -27.52 -14.23 6.16
CA LEU C 132 -26.32 -14.85 5.59
C LEU C 132 -26.33 -16.35 5.81
N LEU C 133 -26.58 -16.78 7.05
CA LEU C 133 -26.68 -18.18 7.38
C LEU C 133 -27.78 -18.87 6.56
N LYS C 134 -28.95 -18.26 6.49
CA LYS C 134 -30.04 -18.81 5.69
C LYS C 134 -29.63 -19.00 4.23
N SER C 135 -29.02 -17.96 3.67
CA SER C 135 -28.60 -18.01 2.27
C SER C 135 -27.61 -19.15 2.04
N THR C 136 -26.68 -19.30 2.97
CA THR C 136 -25.64 -20.32 2.85
C THR C 136 -26.21 -21.73 3.02
N LEU C 137 -27.11 -21.89 3.98
CA LEU C 137 -27.72 -23.19 4.23
C LEU C 137 -28.49 -23.69 3.01
N ILE C 138 -29.16 -22.77 2.32
CA ILE C 138 -29.83 -23.11 1.06
C ILE C 138 -28.82 -23.59 0.02
N ALA C 139 -27.73 -22.84 -0.12
CA ALA C 139 -26.71 -23.16 -1.12
C ALA C 139 -26.01 -24.49 -0.87
N ILE C 140 -25.91 -24.90 0.40
CA ILE C 140 -25.19 -26.13 0.73
C ILE C 140 -26.13 -27.30 1.04
N GLY C 141 -27.39 -27.16 0.66
CA GLY C 141 -28.35 -28.26 0.76
C GLY C 141 -28.77 -28.63 2.17
N GLN C 142 -28.70 -27.68 3.08
CA GLN C 142 -29.09 -27.93 4.46
C GLN C 142 -30.26 -27.04 4.88
N SER C 143 -31.18 -26.80 3.94
CA SER C 143 -32.35 -25.98 4.21
C SER C 143 -33.53 -26.43 3.38
N LYS C 144 -34.73 -26.26 3.92
CA LYS C 144 -35.95 -26.59 3.21
C LYS C 144 -36.47 -25.33 2.52
N GLU C 145 -35.80 -24.20 2.78
CA GLU C 145 -36.20 -22.93 2.22
C GLU C 145 -35.83 -22.79 0.74
N ILE C 146 -36.65 -22.04 0.02
CA ILE C 146 -36.40 -21.75 -1.38
C ILE C 146 -35.58 -20.47 -1.52
N GLU C 147 -34.62 -20.49 -2.43
CA GLU C 147 -33.82 -19.30 -2.73
C GLU C 147 -34.72 -18.22 -3.31
N THR C 148 -34.74 -17.06 -2.67
CA THR C 148 -35.48 -15.91 -3.18
C THR C 148 -34.51 -14.74 -3.37
N THR C 149 -35.04 -13.57 -3.71
CA THR C 149 -34.19 -12.42 -3.99
C THR C 149 -33.29 -12.08 -2.79
N ILE C 150 -33.87 -12.06 -1.60
CA ILE C 150 -33.11 -11.75 -0.39
C ILE C 150 -31.96 -12.71 -0.14
N THR C 151 -32.19 -13.99 -0.44
CA THR C 151 -31.20 -15.04 -0.19
C THR C 151 -30.51 -15.50 -1.46
N ALA C 152 -30.58 -14.68 -2.51
CA ALA C 152 -30.01 -15.04 -3.81
C ALA C 152 -28.49 -15.20 -3.75
N GLU C 153 -27.96 -16.08 -4.60
CA GLU C 153 -26.52 -16.25 -4.69
C GLU C 153 -25.84 -14.94 -5.05
N GLY C 154 -26.48 -14.15 -5.91
CA GLY C 154 -25.99 -12.84 -6.25
C GLY C 154 -25.61 -12.66 -7.70
N GLY C 155 -24.67 -11.75 -7.95
CA GLY C 155 -24.31 -11.35 -9.30
C GLY C 155 -24.72 -9.91 -9.48
N GLU C 156 -24.89 -9.48 -10.73
CA GLU C 156 -25.26 -8.10 -11.02
C GLU C 156 -26.73 -8.00 -11.39
N ILE C 157 -27.45 -7.11 -10.72
CA ILE C 157 -28.87 -6.89 -11.01
C ILE C 157 -29.02 -6.15 -12.34
N VAL C 158 -29.74 -6.75 -13.28
CA VAL C 158 -29.94 -6.14 -14.59
C VAL C 158 -31.39 -5.74 -14.85
N PHE C 159 -32.29 -6.23 -13.99
CA PHE C 159 -33.69 -5.86 -14.07
C PHE C 159 -34.36 -6.13 -12.74
N GLN C 160 -35.33 -5.28 -12.39
CA GLN C 160 -36.06 -5.46 -11.14
C GLN C 160 -37.46 -4.83 -11.22
N ASN C 161 -38.46 -5.57 -10.75
CA ASN C 161 -39.77 -4.99 -10.54
C ASN C 161 -40.34 -5.47 -9.21
N ALA C 162 -41.60 -5.13 -8.94
CA ALA C 162 -42.21 -5.48 -7.66
C ALA C 162 -42.07 -6.96 -7.33
N ALA C 163 -42.18 -7.81 -8.33
CA ALA C 163 -42.24 -9.26 -8.12
C ALA C 163 -40.92 -10.01 -8.32
N PHE C 164 -40.07 -9.51 -9.22
CA PHE C 164 -38.87 -10.24 -9.62
C PHE C 164 -37.58 -9.41 -9.53
N THR C 165 -36.46 -10.12 -9.41
CA THR C 165 -35.13 -9.51 -9.56
C THR C 165 -34.29 -10.39 -10.50
N MET C 166 -33.74 -9.78 -11.54
CA MET C 166 -32.95 -10.52 -12.51
C MET C 166 -31.45 -10.27 -12.31
N TRP C 167 -30.68 -11.35 -12.24
CA TRP C 167 -29.25 -11.27 -11.94
C TRP C 167 -28.40 -11.81 -13.08
N LYS C 168 -27.36 -11.09 -13.45
CA LYS C 168 -26.36 -11.66 -14.34
C LYS C 168 -25.33 -12.44 -13.51
N LEU C 169 -25.11 -13.70 -13.87
CA LEU C 169 -24.16 -14.53 -13.16
C LEU C 169 -22.76 -14.33 -13.75
N THR C 170 -21.90 -13.66 -12.99
CA THR C 170 -20.58 -13.26 -13.48
C THR C 170 -19.52 -14.33 -13.29
N TYR C 171 -19.86 -15.57 -13.66
CA TYR C 171 -18.99 -16.72 -13.44
C TYR C 171 -17.64 -16.63 -14.15
N LEU C 172 -17.56 -15.82 -15.21
CA LEU C 172 -16.30 -15.68 -15.93
C LEU C 172 -15.23 -15.01 -15.10
N GLU C 173 -15.65 -14.18 -14.14
CA GLU C 173 -14.73 -13.38 -13.34
C GLU C 173 -14.39 -14.03 -12.00
N HIS C 174 -14.91 -15.23 -11.75
CA HIS C 174 -14.69 -15.87 -10.46
C HIS C 174 -13.24 -16.31 -10.27
N GLN C 175 -12.82 -16.37 -9.00
CA GLN C 175 -11.46 -16.75 -8.67
C GLN C 175 -11.33 -18.25 -8.39
N LEU C 176 -12.31 -18.80 -7.69
CA LEU C 176 -12.22 -20.19 -7.23
C LEU C 176 -12.45 -21.20 -8.35
N MET C 177 -13.58 -21.11 -9.03
CA MET C 177 -13.88 -22.02 -10.13
C MET C 177 -14.67 -21.33 -11.24
N PRO C 178 -14.01 -20.43 -11.97
CA PRO C 178 -14.67 -19.67 -13.03
C PRO C 178 -15.10 -20.57 -14.17
N ILE C 179 -16.14 -20.18 -14.89
CA ILE C 179 -16.44 -20.80 -16.17
C ILE C 179 -15.29 -20.47 -17.10
N LEU C 180 -14.81 -21.46 -17.85
CA LEU C 180 -13.65 -21.26 -18.71
C LEU C 180 -14.03 -20.88 -20.13
N ASP C 181 -15.25 -21.24 -20.52
CA ASP C 181 -15.78 -20.88 -21.83
C ASP C 181 -16.10 -19.39 -21.87
N GLN C 182 -15.31 -18.63 -22.63
CA GLN C 182 -15.46 -17.18 -22.68
C GLN C 182 -16.74 -16.74 -23.36
N ASN C 183 -17.45 -17.68 -23.98
CA ASN C 183 -18.70 -17.39 -24.65
C ASN C 183 -19.91 -17.53 -23.71
N PHE C 184 -19.63 -17.81 -22.44
CA PHE C 184 -20.68 -18.07 -21.46
C PHE C 184 -21.47 -16.82 -21.06
N ILE C 185 -22.79 -16.95 -21.05
CA ILE C 185 -23.68 -15.92 -20.52
C ILE C 185 -24.92 -16.56 -19.90
N GLU C 186 -25.20 -16.25 -18.65
CA GLU C 186 -26.37 -16.81 -17.97
C GLU C 186 -26.92 -15.85 -16.93
N TYR C 187 -28.25 -15.82 -16.81
CA TYR C 187 -28.92 -14.99 -15.80
C TYR C 187 -29.86 -15.86 -14.98
N LYS C 188 -30.24 -15.38 -13.80
CA LYS C 188 -31.31 -16.02 -13.05
C LYS C 188 -32.31 -14.96 -12.61
N VAL C 189 -33.58 -15.36 -12.54
CA VAL C 189 -34.62 -14.48 -12.02
C VAL C 189 -35.19 -15.08 -10.74
N THR C 190 -34.95 -14.42 -9.62
CA THR C 190 -35.46 -14.85 -8.34
C THR C 190 -36.76 -14.10 -8.03
N LEU C 191 -37.63 -14.72 -7.23
CA LEU C 191 -38.86 -14.08 -6.81
C LEU C 191 -38.57 -13.22 -5.57
N ASN C 192 -39.07 -11.99 -5.58
CA ASN C 192 -38.85 -11.08 -4.46
C ASN C 192 -39.50 -11.57 -3.16
N GLU C 193 -40.63 -12.25 -3.29
CA GLU C 193 -41.29 -12.84 -2.13
C GLU C 193 -42.26 -13.96 -2.53
N ASP C 194 -42.57 -14.82 -1.56
CA ASP C 194 -43.49 -15.91 -1.80
C ASP C 194 -44.93 -15.44 -1.66
N LYS C 195 -45.46 -14.89 -2.73
CA LYS C 195 -46.85 -14.46 -2.78
C LYS C 195 -47.36 -14.69 -4.20
N PRO C 196 -48.68 -14.58 -4.39
CA PRO C 196 -49.18 -14.59 -5.76
C PRO C 196 -48.69 -13.36 -6.49
N ILE C 197 -48.39 -13.51 -7.77
CA ILE C 197 -47.87 -12.41 -8.58
C ILE C 197 -48.92 -12.00 -9.60
N SER C 198 -49.19 -10.70 -9.67
CA SER C 198 -50.20 -10.17 -10.58
C SER C 198 -49.82 -10.40 -12.04
N ASP C 199 -50.82 -10.38 -12.91
CA ASP C 199 -50.59 -10.52 -14.34
C ASP C 199 -49.70 -9.39 -14.85
N VAL C 200 -49.89 -8.20 -14.29
CA VAL C 200 -49.14 -7.02 -14.72
C VAL C 200 -47.64 -7.18 -14.46
N HIS C 201 -47.30 -7.69 -13.29
CA HIS C 201 -45.89 -7.85 -12.92
C HIS C 201 -45.22 -9.00 -13.67
N VAL C 202 -46.00 -10.03 -14.00
CA VAL C 202 -45.52 -11.11 -14.84
C VAL C 202 -45.27 -10.57 -16.24
N LYS C 203 -46.24 -9.82 -16.75
CA LYS C 203 -46.16 -9.24 -18.08
C LYS C 203 -44.92 -8.35 -18.24
N GLU C 204 -44.58 -7.63 -17.17
CA GLU C 204 -43.40 -6.78 -17.17
C GLU C 204 -42.11 -7.58 -17.33
N LEU C 205 -42.02 -8.70 -16.60
CA LEU C 205 -40.86 -9.57 -16.74
C LEU C 205 -40.78 -10.15 -18.15
N VAL C 206 -41.88 -10.71 -18.62
CA VAL C 206 -41.92 -11.32 -19.94
C VAL C 206 -41.55 -10.32 -21.02
N ALA C 207 -41.98 -9.08 -20.85
CA ALA C 207 -41.68 -8.01 -21.81
C ALA C 207 -40.17 -7.77 -21.88
N GLU C 208 -39.53 -7.70 -20.73
CA GLU C 208 -38.09 -7.48 -20.66
C GLU C 208 -37.31 -8.66 -21.27
N LEU C 209 -37.74 -9.88 -20.95
CA LEU C 209 -37.09 -11.08 -21.47
C LEU C 209 -37.16 -11.17 -22.99
N ARG C 210 -38.34 -10.91 -23.54
CA ARG C 210 -38.53 -10.97 -25.00
C ARG C 210 -37.75 -9.88 -25.73
N TRP C 211 -37.64 -8.71 -25.12
CA TRP C 211 -36.96 -7.58 -25.75
C TRP C 211 -35.46 -7.64 -25.57
N GLN C 212 -35.02 -7.75 -24.32
CA GLN C 212 -33.61 -7.65 -23.98
C GLN C 212 -32.87 -8.99 -24.05
N TYR C 213 -33.60 -10.08 -23.98
CA TYR C 213 -32.97 -11.40 -23.92
C TYR C 213 -33.64 -12.40 -24.86
N ASN C 214 -33.91 -11.96 -26.08
CA ASN C 214 -34.66 -12.78 -27.04
C ASN C 214 -33.93 -14.04 -27.46
N LYS C 215 -32.61 -14.05 -27.34
CA LYS C 215 -31.82 -15.21 -27.71
C LYS C 215 -31.63 -16.20 -26.56
N PHE C 216 -32.38 -15.99 -25.48
CA PHE C 216 -32.24 -16.83 -24.30
C PHE C 216 -33.53 -17.56 -23.99
N ALA C 217 -33.40 -18.84 -23.64
CA ALA C 217 -34.54 -19.64 -23.20
C ALA C 217 -34.81 -19.40 -21.73
N VAL C 218 -36.09 -19.37 -21.36
CA VAL C 218 -36.48 -19.25 -19.97
C VAL C 218 -36.80 -20.63 -19.42
N ILE C 219 -35.92 -21.15 -18.58
CA ILE C 219 -36.12 -22.49 -18.02
C ILE C 219 -36.04 -22.45 -16.50
N THR C 220 -36.02 -23.64 -15.89
CA THR C 220 -35.85 -23.74 -14.45
C THR C 220 -35.33 -25.13 -14.13
N HIS C 221 -34.58 -25.24 -13.03
CA HIS C 221 -34.13 -26.55 -12.56
C HIS C 221 -35.04 -27.06 -11.43
N GLY C 222 -36.17 -26.38 -11.25
CA GLY C 222 -37.19 -26.82 -10.32
C GLY C 222 -37.01 -26.37 -8.88
N LYS C 223 -35.99 -25.55 -8.63
CA LYS C 223 -35.67 -25.12 -7.27
C LYS C 223 -36.30 -23.77 -6.90
N GLY C 224 -37.20 -23.27 -7.74
CA GLY C 224 -37.99 -22.11 -7.37
C GLY C 224 -37.61 -20.79 -8.02
N HIS C 225 -36.69 -20.82 -8.98
CA HIS C 225 -36.35 -19.60 -9.72
C HIS C 225 -36.13 -19.88 -11.20
N TYR C 226 -36.16 -18.83 -12.01
CA TYR C 226 -35.97 -18.96 -13.44
C TYR C 226 -34.49 -18.87 -13.81
N ARG C 227 -34.09 -19.67 -14.78
CA ARG C 227 -32.74 -19.60 -15.32
C ARG C 227 -32.81 -19.18 -16.78
N ILE C 228 -32.07 -18.14 -17.11
CA ILE C 228 -32.09 -17.56 -18.44
C ILE C 228 -30.82 -18.00 -19.16
N VAL C 229 -30.97 -18.92 -20.10
CA VAL C 229 -29.82 -19.57 -20.70
C VAL C 229 -29.92 -19.55 -22.22
N LYS C 230 -28.77 -19.56 -22.89
CA LYS C 230 -28.74 -19.61 -24.35
C LYS C 230 -29.49 -20.84 -24.85
N TYR C 231 -30.22 -20.68 -25.95
CA TYR C 231 -30.93 -21.80 -26.53
C TYR C 231 -29.96 -22.93 -26.89
N SER C 232 -28.73 -22.55 -27.21
CA SER C 232 -27.71 -23.51 -27.61
C SER C 232 -27.16 -24.32 -26.44
N SER C 233 -27.60 -24.00 -25.22
CA SER C 233 -27.15 -24.72 -24.04
C SER C 233 -28.30 -25.51 -23.41
N VAL C 234 -29.49 -25.35 -23.98
CA VAL C 234 -30.70 -25.95 -23.41
C VAL C 234 -30.62 -27.48 -23.25
N ALA C 235 -30.18 -28.16 -24.30
CA ALA C 235 -30.09 -29.62 -24.27
C ALA C 235 -29.16 -30.11 -23.16
N ASN C 236 -28.11 -29.35 -22.89
CA ASN C 236 -27.20 -29.68 -21.80
C ASN C 236 -27.84 -29.50 -20.43
N HIS C 237 -28.67 -28.46 -20.30
CA HIS C 237 -29.41 -28.25 -19.07
C HIS C 237 -30.41 -29.38 -18.85
N ALA C 238 -31.01 -29.85 -19.94
CA ALA C 238 -31.94 -30.97 -19.88
C ALA C 238 -31.26 -32.23 -19.33
N ASP C 239 -30.04 -32.48 -19.78
CA ASP C 239 -29.27 -33.64 -19.33
C ASP C 239 -28.99 -33.56 -17.83
N ARG C 240 -28.49 -32.41 -17.39
CA ARG C 240 -28.16 -32.20 -15.98
C ARG C 240 -29.42 -32.31 -15.12
N VAL C 241 -30.48 -31.66 -15.55
CA VAL C 241 -31.74 -31.67 -14.82
C VAL C 241 -32.32 -33.09 -14.71
N TYR C 242 -32.37 -33.80 -15.82
CA TYR C 242 -32.89 -35.17 -15.80
C TYR C 242 -32.02 -36.07 -14.92
N ALA C 243 -30.70 -35.95 -15.09
CA ALA C 243 -29.78 -36.75 -14.30
C ALA C 243 -30.05 -36.60 -12.81
N THR C 244 -30.18 -35.35 -12.36
CA THR C 244 -30.44 -35.06 -10.96
C THR C 244 -31.79 -35.62 -10.52
N PHE C 245 -32.79 -35.47 -11.38
CA PHE C 245 -34.13 -35.97 -11.08
C PHE C 245 -34.12 -37.49 -10.89
N LYS C 246 -33.43 -38.17 -11.80
CA LYS C 246 -33.30 -39.62 -11.74
C LYS C 246 -32.59 -40.04 -10.46
N SER C 247 -31.44 -39.42 -10.21
CA SER C 247 -30.65 -39.70 -9.02
C SER C 247 -31.49 -39.63 -7.75
N ASN C 248 -32.33 -38.59 -7.64
CA ASN C 248 -33.19 -38.43 -6.48
C ASN C 248 -34.22 -39.55 -6.36
N VAL C 249 -34.89 -39.86 -7.45
CA VAL C 249 -35.87 -40.94 -7.48
C VAL C 249 -35.23 -42.27 -7.06
N LYS C 250 -33.98 -42.47 -7.48
CA LYS C 250 -33.25 -43.68 -7.17
C LYS C 250 -32.93 -43.77 -5.67
N THR C 251 -32.42 -42.67 -5.13
CA THR C 251 -32.04 -42.63 -3.72
C THR C 251 -33.23 -42.30 -2.81
N GLY C 252 -34.43 -42.34 -3.38
CA GLY C 252 -35.65 -42.15 -2.60
C GLY C 252 -35.85 -40.75 -2.04
N VAL C 253 -35.20 -39.76 -2.66
CA VAL C 253 -35.41 -38.37 -2.29
C VAL C 253 -36.52 -37.76 -3.12
N ASN C 254 -37.40 -37.01 -2.48
CA ASN C 254 -38.46 -36.30 -3.20
C ASN C 254 -37.90 -35.11 -3.96
N ASN C 255 -38.11 -35.10 -5.27
CA ASN C 255 -37.59 -34.03 -6.12
C ASN C 255 -38.19 -32.67 -5.83
N ASP C 256 -39.51 -32.64 -5.64
CA ASP C 256 -40.23 -31.38 -5.47
C ASP C 256 -39.91 -30.40 -6.60
N PHE C 257 -40.08 -30.86 -7.84
CA PHE C 257 -39.75 -30.02 -9.00
C PHE C 257 -40.87 -29.02 -9.26
N ASN C 258 -40.60 -27.76 -8.95
CA ASN C 258 -41.48 -26.66 -9.28
C ASN C 258 -41.31 -26.23 -10.75
N LEU C 259 -42.35 -26.47 -11.54
CA LEU C 259 -42.40 -26.12 -12.94
C LEU C 259 -42.40 -24.61 -13.24
N LEU C 260 -42.91 -23.82 -12.32
CA LEU C 260 -42.95 -22.38 -12.44
C LEU C 260 -44.03 -21.94 -13.44
N ASP C 261 -44.09 -20.68 -13.80
CA ASP C 261 -45.21 -20.15 -14.55
C ASP C 261 -45.14 -20.61 -15.97
N GLN C 262 -46.20 -21.24 -16.43
CA GLN C 262 -46.27 -21.73 -17.79
C GLN C 262 -46.30 -20.59 -18.80
N ARG C 263 -46.65 -19.40 -18.34
CA ARG C 263 -46.68 -18.23 -19.21
C ARG C 263 -45.30 -17.62 -19.41
N ILE C 264 -44.33 -18.07 -18.61
CA ILE C 264 -42.98 -17.51 -18.63
C ILE C 264 -41.95 -18.51 -19.15
N ILE C 265 -42.02 -19.74 -18.64
CA ILE C 265 -41.13 -20.81 -19.07
C ILE C 265 -41.25 -21.09 -20.56
N TRP C 266 -40.11 -21.33 -21.22
CA TRP C 266 -40.14 -21.72 -22.64
C TRP C 266 -41.04 -22.94 -22.82
N GLN C 267 -41.90 -22.88 -23.84
CA GLN C 267 -42.89 -23.92 -24.08
C GLN C 267 -42.29 -25.33 -24.08
N ASN C 268 -41.21 -25.51 -24.84
CA ASN C 268 -40.59 -26.81 -24.98
C ASN C 268 -39.95 -27.31 -23.69
N TRP C 269 -39.48 -26.38 -22.85
CA TRP C 269 -38.89 -26.75 -21.57
C TRP C 269 -39.99 -27.21 -20.62
N TYR C 270 -41.13 -26.54 -20.67
CA TYR C 270 -42.26 -26.92 -19.83
C TYR C 270 -42.72 -28.33 -20.20
N ALA C 271 -42.76 -28.61 -21.51
CA ALA C 271 -43.15 -29.93 -21.99
C ALA C 271 -42.15 -30.98 -21.54
N PHE C 272 -40.86 -30.68 -21.67
CA PHE C 272 -39.79 -31.58 -21.27
C PHE C 272 -39.86 -31.94 -19.78
N THR C 273 -39.90 -30.92 -18.92
CA THR C 273 -39.92 -31.14 -17.48
C THR C 273 -41.23 -31.79 -17.03
N SER C 274 -42.34 -31.40 -17.66
CA SER C 274 -43.62 -32.03 -17.37
C SER C 274 -43.57 -33.53 -17.66
N SER C 275 -43.01 -33.89 -18.80
CA SER C 275 -42.89 -35.29 -19.19
C SER C 275 -41.96 -36.02 -18.23
N MET C 276 -40.96 -35.30 -17.73
CA MET C 276 -40.02 -35.86 -16.77
C MET C 276 -40.73 -36.16 -15.45
N LYS C 277 -41.54 -35.22 -14.98
CA LYS C 277 -42.30 -35.41 -13.75
C LYS C 277 -43.29 -36.57 -13.87
N GLN C 278 -43.78 -36.79 -15.08
CA GLN C 278 -44.74 -37.85 -15.33
C GLN C 278 -44.08 -39.24 -15.27
N GLY C 279 -42.75 -39.24 -15.29
CA GLY C 279 -41.99 -40.47 -15.11
C GLY C 279 -41.43 -41.08 -16.38
N ASN C 280 -41.43 -40.31 -17.46
CA ASN C 280 -40.92 -40.79 -18.73
C ASN C 280 -39.41 -40.89 -18.80
N THR C 281 -38.91 -41.64 -19.78
CA THR C 281 -37.48 -41.80 -19.99
C THR C 281 -36.87 -40.53 -20.56
N LEU C 282 -35.55 -40.41 -20.47
CA LEU C 282 -34.85 -39.27 -21.03
C LEU C 282 -35.13 -39.14 -22.52
N ASP C 283 -35.01 -40.25 -23.24
CA ASP C 283 -35.25 -40.27 -24.68
C ASP C 283 -36.61 -39.68 -25.03
N VAL C 284 -37.63 -40.01 -24.25
CA VAL C 284 -38.98 -39.53 -24.51
C VAL C 284 -39.15 -38.05 -24.14
N CYS C 285 -38.53 -37.64 -23.04
CA CYS C 285 -38.57 -36.24 -22.61
C CYS C 285 -37.84 -35.34 -23.60
N LYS C 286 -36.59 -35.70 -23.92
CA LYS C 286 -35.77 -34.92 -24.85
C LYS C 286 -36.47 -34.72 -26.20
N ARG C 287 -37.15 -35.76 -26.67
CA ARG C 287 -37.83 -35.70 -27.95
C ARG C 287 -38.78 -34.49 -28.01
N LEU C 288 -39.24 -34.05 -26.85
CA LEU C 288 -40.15 -32.92 -26.76
C LEU C 288 -39.41 -31.58 -26.88
N LEU C 289 -38.15 -31.56 -26.51
CA LEU C 289 -37.32 -30.35 -26.63
C LEU C 289 -37.15 -29.93 -28.08
N PHE C 290 -36.85 -30.90 -28.94
CA PHE C 290 -36.51 -30.63 -30.33
C PHE C 290 -37.73 -30.64 -31.24
N GLN C 291 -38.91 -30.80 -30.65
CA GLN C 291 -40.14 -30.79 -31.42
C GLN C 291 -40.64 -29.37 -31.66
N LYS C 292 -40.74 -28.99 -32.92
CA LYS C 292 -41.36 -27.72 -33.27
C LYS C 292 -42.86 -27.86 -33.03
N MET C 293 -43.27 -27.58 -31.80
CA MET C 293 -44.66 -27.75 -31.40
C MET C 293 -45.51 -26.55 -31.76
N LYS C 294 -46.81 -26.77 -31.96
CA LYS C 294 -47.73 -25.70 -32.33
C LYS C 294 -47.91 -24.72 -31.17
N PRO C 295 -47.75 -23.45 -31.45
CA PRO C 295 -47.75 -22.49 -30.36
C PRO C 295 -49.04 -22.60 -29.61
N GLU C 296 -48.94 -22.46 -28.31
CA GLU C 296 -50.05 -22.08 -27.51
C GLU C 296 -50.18 -20.61 -27.82
N LYS C 297 -51.39 -20.08 -27.70
CA LYS C 297 -51.59 -18.66 -27.86
C LYS C 297 -50.96 -18.03 -26.63
N ASN C 298 -50.29 -16.90 -26.76
CA ASN C 298 -49.56 -16.30 -25.65
C ASN C 298 -50.46 -15.33 -24.98
N PRO C 299 -50.40 -15.22 -23.67
CA PRO C 299 -51.41 -14.45 -22.97
C PRO C 299 -50.98 -13.04 -22.96
N PHE C 300 -49.83 -12.74 -23.56
CA PHE C 300 -49.37 -11.36 -23.59
C PHE C 300 -49.06 -10.91 -25.01
N LYS C 301 -50.07 -10.41 -25.71
CA LYS C 301 -49.94 -10.00 -27.11
C LYS C 301 -49.16 -8.71 -27.26
N GLY C 302 -48.28 -8.68 -28.28
CA GLY C 302 -47.58 -7.47 -28.67
C GLY C 302 -46.79 -6.76 -27.59
N LEU C 303 -46.06 -7.52 -26.79
CA LEU C 303 -45.21 -6.92 -25.75
C LEU C 303 -44.01 -6.20 -26.34
N SER C 304 -43.40 -6.81 -27.36
CA SER C 304 -42.24 -6.21 -28.02
C SER C 304 -42.62 -4.96 -28.78
N THR C 305 -43.85 -4.93 -29.32
CA THR C 305 -44.35 -3.75 -30.00
C THR C 305 -44.40 -2.56 -29.06
N ASP C 306 -44.88 -2.77 -27.84
CA ASP C 306 -44.96 -1.71 -26.85
C ASP C 306 -43.57 -1.18 -26.50
N ARG C 307 -42.61 -2.08 -26.35
CA ARG C 307 -41.25 -1.69 -26.01
C ARG C 307 -40.59 -0.88 -27.12
N LYS C 308 -40.78 -1.33 -28.36
CA LYS C 308 -40.29 -0.61 -29.54
C LYS C 308 -40.78 0.82 -29.50
N MET C 309 -42.08 0.99 -29.31
CA MET C 309 -42.70 2.31 -29.34
C MET C 309 -42.19 3.19 -28.21
N ASP C 310 -41.92 2.58 -27.05
CA ASP C 310 -41.33 3.30 -25.94
C ASP C 310 -39.92 3.78 -26.29
N GLU C 311 -39.16 2.92 -26.96
CA GLU C 311 -37.81 3.26 -27.38
C GLU C 311 -37.81 4.42 -28.38
N VAL C 312 -38.71 4.36 -29.35
CA VAL C 312 -38.78 5.39 -30.38
C VAL C 312 -39.16 6.76 -29.83
N SER C 313 -40.04 6.77 -28.84
CA SER C 313 -40.45 8.02 -28.19
C SER C 313 -39.27 8.71 -27.52
N ALA D 2 27.99 -19.97 7.49
CA ALA D 2 28.66 -18.90 8.22
C ALA D 2 28.54 -19.12 9.74
N GLU D 3 29.45 -18.50 10.48
CA GLU D 3 29.42 -18.60 11.93
C GLU D 3 28.20 -17.89 12.50
N LEU D 4 27.70 -18.37 13.62
CA LEU D 4 26.59 -17.70 14.29
C LEU D 4 27.01 -16.28 14.68
N ALA D 5 28.31 -16.07 14.83
CA ALA D 5 28.87 -14.77 15.19
C ALA D 5 28.70 -13.73 14.09
N CYS D 6 28.17 -14.14 12.94
CA CYS D 6 27.95 -13.21 11.85
C CYS D 6 26.60 -12.52 11.95
N PHE D 7 25.78 -12.98 12.90
CA PHE D 7 24.40 -12.52 13.01
C PHE D 7 24.11 -11.77 14.29
N CYS D 8 24.79 -12.13 15.37
CA CYS D 8 24.49 -11.54 16.67
C CYS D 8 25.71 -11.48 17.57
N TYR D 9 25.62 -10.65 18.62
CA TYR D 9 26.69 -10.54 19.61
C TYR D 9 26.12 -10.74 21.01
N PRO D 10 26.94 -11.26 21.93
CA PRO D 10 26.50 -11.58 23.29
C PRO D 10 26.47 -10.35 24.20
N HIS D 11 25.48 -10.30 25.08
CA HIS D 11 25.38 -9.23 26.06
C HIS D 11 25.03 -9.83 27.41
N LEU D 12 25.90 -9.62 28.39
CA LEU D 12 25.72 -10.21 29.72
C LEU D 12 24.58 -9.53 30.47
N GLU D 13 23.55 -10.29 30.78
CA GLU D 13 22.49 -9.86 31.69
C GLU D 13 22.29 -10.90 32.78
N ASN D 14 22.47 -10.52 34.03
CA ASN D 14 22.54 -11.46 35.14
C ASN D 14 23.72 -12.42 35.02
N ASP D 15 23.48 -13.71 35.12
CA ASP D 15 24.56 -14.67 35.00
C ASP D 15 24.62 -15.26 33.62
N SER D 16 23.74 -14.78 32.76
CA SER D 16 23.40 -15.41 31.50
C SER D 16 23.58 -14.46 30.34
N TYR D 17 23.77 -15.01 29.16
CA TYR D 17 24.06 -14.12 28.04
C TYR D 17 22.84 -13.95 27.15
N LYS D 18 22.54 -12.69 26.83
CA LYS D 18 21.50 -12.38 25.87
C LYS D 18 22.17 -12.14 24.53
N PHE D 19 21.47 -12.47 23.44
CA PHE D 19 22.05 -12.29 22.11
C PHE D 19 21.24 -11.28 21.30
N ILE D 20 21.96 -10.38 20.64
CA ILE D 20 21.36 -9.24 19.96
C ILE D 20 21.81 -9.21 18.50
N PRO D 21 20.86 -9.00 17.58
CA PRO D 21 21.16 -8.96 16.14
C PRO D 21 21.98 -7.73 15.77
N PHE D 22 22.91 -7.88 14.82
CA PHE D 22 23.64 -6.74 14.29
C PHE D 22 22.72 -5.91 13.39
N ASN D 23 22.89 -4.59 13.42
CA ASN D 23 22.29 -3.71 12.42
C ASN D 23 23.09 -3.85 11.13
N ASN D 24 22.42 -3.91 9.99
CA ASN D 24 23.15 -4.11 8.74
C ASN D 24 24.08 -2.94 8.37
N LEU D 25 23.77 -1.75 8.85
CA LEU D 25 24.62 -0.59 8.59
C LEU D 25 25.87 -0.57 9.47
N ALA D 26 25.81 -1.25 10.62
CA ALA D 26 26.99 -1.44 11.44
C ALA D 26 27.98 -2.35 10.72
N ILE D 27 27.46 -3.45 10.18
CA ILE D 27 28.27 -4.35 9.36
C ILE D 27 28.89 -3.60 8.19
N LYS D 28 28.06 -2.81 7.50
CA LYS D 28 28.54 -2.04 6.36
C LYS D 28 29.69 -1.10 6.77
N ALA D 29 29.57 -0.47 7.92
CA ALA D 29 30.61 0.39 8.43
C ALA D 29 31.89 -0.39 8.68
N MET D 30 31.72 -1.57 9.30
CA MET D 30 32.86 -2.44 9.61
C MET D 30 33.62 -2.83 8.35
N LEU D 31 32.90 -3.05 7.26
CA LEU D 31 33.51 -3.45 5.99
C LEU D 31 34.39 -2.35 5.38
N THR D 32 34.17 -1.10 5.78
CA THR D 32 34.97 0.01 5.28
C THR D 32 36.05 0.41 6.28
N ALA D 33 36.15 -0.34 7.37
CA ALA D 33 37.00 0.04 8.48
C ALA D 33 38.46 -0.40 8.34
N LYS D 34 39.36 0.42 8.85
CA LYS D 34 40.77 0.06 8.97
C LYS D 34 41.01 -0.44 10.38
N VAL D 35 41.39 -1.71 10.50
CA VAL D 35 41.51 -2.37 11.80
C VAL D 35 42.86 -3.08 11.99
N ASP D 36 43.45 -2.90 13.17
CA ASP D 36 44.71 -3.55 13.51
C ASP D 36 44.56 -5.07 13.60
N LYS D 37 45.58 -5.79 13.12
CA LYS D 37 45.57 -7.25 13.12
C LYS D 37 45.09 -7.83 14.45
N LYS D 38 45.50 -7.21 15.55
CA LYS D 38 45.18 -7.71 16.88
C LYS D 38 43.69 -7.59 17.20
N ASP D 39 43.00 -6.74 16.46
CA ASP D 39 41.59 -6.46 16.74
C ASP D 39 40.65 -7.09 15.71
N MET D 40 41.20 -7.97 14.87
CA MET D 40 40.41 -8.65 13.85
C MET D 40 39.38 -9.60 14.45
N ASP D 41 39.69 -10.13 15.62
CA ASP D 41 38.81 -11.10 16.28
C ASP D 41 37.92 -10.43 17.31
N LYS D 42 37.90 -9.10 17.31
CA LYS D 42 37.11 -8.35 18.29
C LYS D 42 35.88 -7.71 17.67
N PHE D 43 34.84 -7.54 18.48
CA PHE D 43 33.64 -6.86 18.03
C PHE D 43 33.95 -5.41 17.62
N TYR D 44 33.24 -4.94 16.61
CA TYR D 44 33.52 -3.63 16.04
C TYR D 44 32.48 -2.57 16.40
N ASP D 45 32.94 -1.39 16.77
CA ASP D 45 32.07 -0.29 17.11
C ASP D 45 31.90 0.69 15.96
N SER D 46 30.73 0.68 15.36
CA SER D 46 30.41 1.54 14.25
C SER D 46 30.13 2.98 14.68
N ILE D 47 30.00 3.17 15.97
CA ILE D 47 29.68 4.44 16.57
C ILE D 47 28.23 4.88 16.39
N ILE D 48 27.75 4.92 15.17
CA ILE D 48 26.42 5.36 14.81
C ILE D 48 25.36 4.24 14.80
N TYR D 49 25.75 3.04 14.46
CA TYR D 49 24.80 1.95 14.22
C TYR D 49 24.98 0.77 15.17
N GLY D 50 25.67 1.01 16.29
CA GLY D 50 25.88 -0.03 17.28
C GLY D 50 27.02 -0.98 16.95
N ILE D 51 27.03 -2.14 17.59
CA ILE D 51 28.11 -3.11 17.47
C ILE D 51 28.03 -3.91 16.18
N ALA D 52 29.19 -4.30 15.65
CA ALA D 52 29.28 -5.08 14.42
C ALA D 52 30.15 -6.30 14.65
N PRO D 53 30.03 -7.32 13.78
CA PRO D 53 30.79 -8.56 13.98
C PRO D 53 32.29 -8.33 13.80
N PRO D 54 33.12 -9.21 14.39
CA PRO D 54 34.58 -9.16 14.21
C PRO D 54 34.95 -9.08 12.75
N PRO D 55 35.86 -8.15 12.40
CA PRO D 55 36.31 -7.93 11.01
C PRO D 55 36.91 -9.17 10.34
N GLN D 56 37.28 -10.18 11.13
CA GLN D 56 37.80 -11.40 10.56
C GLN D 56 36.74 -12.10 9.70
N PHE D 57 35.49 -11.70 9.88
CA PHE D 57 34.38 -12.32 9.14
C PHE D 57 33.97 -11.57 7.88
N LYS D 58 34.81 -10.62 7.44
CA LYS D 58 34.50 -9.80 6.27
C LYS D 58 33.99 -10.59 5.06
N LYS D 59 34.60 -11.75 4.83
CA LYS D 59 34.27 -12.52 3.63
C LYS D 59 32.94 -13.28 3.73
N ARG D 60 32.30 -13.22 4.89
CA ARG D 60 30.98 -13.82 5.05
C ARG D 60 29.92 -12.89 4.45
N TYR D 61 30.33 -11.68 4.10
CA TYR D 61 29.39 -10.66 3.63
C TYR D 61 29.63 -10.25 2.19
N ASN D 62 28.55 -10.21 1.41
CA ASN D 62 28.64 -9.80 0.02
C ASN D 62 28.87 -8.31 -0.17
N THR D 63 29.76 -7.98 -1.09
CA THR D 63 30.09 -6.59 -1.40
C THR D 63 30.40 -6.50 -2.89
N ASN D 64 30.89 -5.34 -3.32
CA ASN D 64 31.28 -5.14 -4.72
C ASN D 64 32.29 -6.19 -5.19
N ASP D 65 33.18 -6.61 -4.29
CA ASP D 65 34.23 -7.54 -4.66
C ASP D 65 34.07 -8.91 -4.00
N ASN D 66 32.89 -9.18 -3.47
CA ASN D 66 32.61 -10.47 -2.86
C ASN D 66 31.19 -10.96 -3.12
N SER D 67 31.08 -12.14 -3.73
CA SER D 67 29.78 -12.73 -4.01
C SER D 67 29.65 -14.10 -3.35
N ARG D 68 30.61 -14.42 -2.48
CA ARG D 68 30.64 -15.74 -1.85
C ARG D 68 30.07 -15.72 -0.43
N GLY D 69 29.52 -14.58 -0.02
CA GLY D 69 28.96 -14.43 1.31
C GLY D 69 27.44 -14.30 1.30
N MET D 70 26.91 -13.52 2.23
CA MET D 70 25.48 -13.37 2.37
C MET D 70 25.05 -11.93 2.06
N ASN D 71 23.79 -11.77 1.69
CA ASN D 71 23.21 -10.45 1.44
C ASN D 71 22.66 -9.85 2.74
N PHE D 72 23.57 -9.30 3.54
CA PHE D 72 23.26 -8.89 4.91
C PHE D 72 22.34 -7.66 5.02
N GLU D 73 22.12 -6.99 3.90
CA GLU D 73 21.28 -5.79 3.89
C GLU D 73 19.81 -6.10 3.61
N THR D 74 19.49 -7.38 3.41
CA THR D 74 18.11 -7.79 3.19
C THR D 74 17.36 -7.94 4.52
N ILE D 75 16.03 -7.93 4.45
CA ILE D 75 15.23 -8.12 5.66
C ILE D 75 15.41 -9.54 6.20
N MET D 76 15.73 -10.47 5.32
CA MET D 76 15.92 -11.86 5.75
C MET D 76 17.12 -12.02 6.69
N PHE D 77 18.15 -11.21 6.49
CA PHE D 77 19.28 -11.22 7.42
C PHE D 77 18.79 -10.94 8.83
N THR D 78 17.94 -9.93 8.97
CA THR D 78 17.41 -9.55 10.29
C THR D 78 16.52 -10.66 10.82
N LYS D 79 15.68 -11.21 9.97
CA LYS D 79 14.80 -12.30 10.36
C LYS D 79 15.57 -13.53 10.84
N VAL D 80 16.65 -13.87 10.13
CA VAL D 80 17.50 -14.99 10.52
C VAL D 80 18.25 -14.69 11.82
N ALA D 81 18.79 -13.48 11.93
CA ALA D 81 19.46 -13.06 13.14
C ALA D 81 18.54 -13.18 14.35
N MET D 82 17.30 -12.71 14.19
CA MET D 82 16.31 -12.82 15.25
C MET D 82 15.97 -14.27 15.57
N LEU D 83 15.84 -15.10 14.54
CA LEU D 83 15.58 -16.53 14.76
C LEU D 83 16.68 -17.13 15.62
N ILE D 84 17.93 -16.83 15.28
CA ILE D 84 19.07 -17.32 16.03
C ILE D 84 19.05 -16.81 17.47
N CYS D 85 18.82 -15.52 17.64
CA CYS D 85 18.83 -14.91 18.96
C CYS D 85 17.77 -15.51 19.88
N GLU D 86 16.58 -15.74 19.33
CA GLU D 86 15.49 -16.29 20.11
C GLU D 86 15.86 -17.68 20.65
N ALA D 87 16.50 -18.48 19.81
CA ALA D 87 16.92 -19.82 20.22
C ALA D 87 18.06 -19.79 21.24
N LEU D 88 19.07 -18.96 20.98
CA LEU D 88 20.20 -18.85 21.89
C LEU D 88 19.75 -18.32 23.26
N ASN D 89 18.83 -17.36 23.24
CA ASN D 89 18.33 -16.77 24.49
C ASN D 89 17.66 -17.78 25.41
N SER D 90 17.09 -18.83 24.81
CA SER D 90 16.39 -19.85 25.60
C SER D 90 17.37 -20.80 26.29
N LEU D 91 18.64 -20.68 25.94
CA LEU D 91 19.66 -21.63 26.42
C LEU D 91 20.35 -21.21 27.72
N LYS D 92 20.29 -19.92 28.04
CA LYS D 92 21.00 -19.40 29.22
C LYS D 92 22.47 -19.73 29.11
N VAL D 93 23.08 -19.39 27.96
CA VAL D 93 24.48 -19.67 27.74
C VAL D 93 25.32 -19.02 28.83
N THR D 94 26.31 -19.74 29.32
CA THR D 94 27.16 -19.23 30.40
C THR D 94 28.46 -18.65 29.85
N GLN D 95 29.13 -17.88 30.70
CA GLN D 95 30.41 -17.26 30.36
C GLN D 95 31.33 -18.21 29.61
N ALA D 96 31.46 -19.42 30.13
CA ALA D 96 32.40 -20.41 29.59
C ALA D 96 32.09 -20.82 28.15
N ASN D 97 30.80 -20.89 27.81
CA ASN D 97 30.38 -21.48 26.54
C ASN D 97 30.15 -20.49 25.40
N VAL D 98 29.99 -19.21 25.73
CA VAL D 98 29.56 -18.22 24.74
C VAL D 98 30.39 -18.21 23.45
N SER D 99 31.70 -18.26 23.57
CA SER D 99 32.57 -18.26 22.39
C SER D 99 32.37 -19.52 21.56
N ASN D 100 32.28 -20.66 22.24
CA ASN D 100 32.05 -21.93 21.58
C ASN D 100 30.77 -21.91 20.75
N VAL D 101 29.70 -21.42 21.37
CA VAL D 101 28.39 -21.35 20.73
C VAL D 101 28.39 -20.51 19.46
N LEU D 102 28.98 -19.31 19.55
CA LEU D 102 28.96 -18.37 18.43
C LEU D 102 29.89 -18.76 17.28
N SER D 103 30.87 -19.61 17.56
CA SER D 103 31.84 -20.00 16.54
C SER D 103 31.32 -21.11 15.62
N ARG D 104 30.23 -21.74 16.03
CA ARG D 104 29.64 -22.82 15.23
C ARG D 104 29.24 -22.33 13.85
N VAL D 105 29.74 -23.03 12.82
CA VAL D 105 29.37 -22.72 11.45
C VAL D 105 28.10 -23.49 11.10
N VAL D 106 27.12 -22.78 10.55
CA VAL D 106 25.83 -23.41 10.23
C VAL D 106 25.42 -23.10 8.80
N SER D 107 24.39 -23.80 8.33
CA SER D 107 23.79 -23.49 7.04
C SER D 107 22.83 -22.33 7.18
N ILE D 108 23.13 -21.23 6.48
CA ILE D 108 22.28 -20.05 6.49
C ILE D 108 20.96 -20.32 5.77
N ARG D 109 21.03 -21.10 4.70
CA ARG D 109 19.85 -21.41 3.91
C ARG D 109 18.84 -22.21 4.73
N HIS D 110 19.35 -23.13 5.54
CA HIS D 110 18.52 -23.91 6.44
C HIS D 110 17.74 -22.96 7.35
N LEU D 111 18.42 -21.91 7.83
CA LEU D 111 17.78 -20.93 8.70
C LEU D 111 16.75 -20.05 7.98
N GLU D 112 17.06 -19.62 6.76
CA GLU D 112 16.08 -18.87 5.97
C GLU D 112 14.82 -19.70 5.76
N ASN D 113 15.02 -20.99 5.46
CA ASN D 113 13.89 -21.91 5.31
C ASN D 113 13.05 -22.04 6.58
N LEU D 114 13.70 -22.03 7.74
CA LEU D 114 12.98 -22.05 9.00
C LEU D 114 12.16 -20.76 9.21
N VAL D 115 12.73 -19.63 8.80
CA VAL D 115 11.98 -18.38 8.86
C VAL D 115 10.73 -18.48 8.00
N ILE D 116 10.89 -19.05 6.80
CA ILE D 116 9.76 -19.22 5.89
C ILE D 116 8.67 -20.11 6.49
N ARG D 117 9.07 -21.19 7.16
CA ARG D 117 8.12 -22.02 7.89
C ARG D 117 7.43 -21.22 9.00
N LYS D 118 8.26 -20.63 9.87
CA LYS D 118 7.79 -19.90 11.04
C LYS D 118 6.79 -18.79 10.74
N GLU D 119 6.94 -18.14 9.59
CA GLU D 119 6.09 -16.99 9.27
C GLU D 119 4.82 -17.37 8.50
N ASN D 120 4.66 -18.65 8.20
CA ASN D 120 3.47 -19.14 7.51
C ASN D 120 2.43 -19.66 8.50
N PRO D 121 1.28 -18.97 8.61
CA PRO D 121 0.22 -19.38 9.53
C PRO D 121 -0.33 -20.78 9.27
N GLN D 122 -0.09 -21.33 8.09
CA GLN D 122 -0.52 -22.70 7.77
C GLN D 122 0.39 -23.73 8.45
N ASP D 123 1.60 -23.31 8.77
CA ASP D 123 2.65 -24.22 9.24
C ASP D 123 2.64 -24.36 10.76
N ILE D 124 2.81 -25.59 11.24
CA ILE D 124 2.81 -25.85 12.68
C ILE D 124 3.81 -24.98 13.44
N LEU D 125 4.93 -24.65 12.81
CA LEU D 125 5.95 -23.84 13.48
C LEU D 125 5.45 -22.46 13.83
N PHE D 126 4.46 -21.98 13.08
CA PHE D 126 3.85 -20.68 13.34
C PHE D 126 3.11 -20.69 14.66
N HIS D 127 2.54 -21.84 15.02
CA HIS D 127 1.65 -21.95 16.18
C HIS D 127 2.31 -22.56 17.41
N SER D 128 3.47 -23.17 17.23
CA SER D 128 4.16 -23.82 18.35
C SER D 128 5.57 -23.26 18.55
N LYS D 129 5.74 -22.46 19.59
CA LYS D 129 7.05 -21.93 19.93
C LYS D 129 8.00 -23.04 20.35
N ASP D 130 7.46 -24.07 20.98
CA ASP D 130 8.26 -25.23 21.38
C ASP D 130 8.92 -25.89 20.17
N LEU D 131 8.13 -26.17 19.14
CA LEU D 131 8.63 -26.82 17.94
C LEU D 131 9.57 -25.92 17.15
N LEU D 132 9.26 -24.62 17.12
CA LEU D 132 10.12 -23.66 16.43
C LEU D 132 11.50 -23.63 17.07
N LEU D 133 11.54 -23.56 18.40
CA LEU D 133 12.81 -23.52 19.11
C LEU D 133 13.60 -24.81 18.91
N LYS D 134 12.91 -25.94 19.02
CA LYS D 134 13.55 -27.24 18.81
C LYS D 134 14.15 -27.33 17.40
N SER D 135 13.38 -26.90 16.41
CA SER D 135 13.84 -26.91 15.02
C SER D 135 15.06 -26.02 14.82
N THR D 136 15.04 -24.86 15.46
CA THR D 136 16.14 -23.90 15.31
C THR D 136 17.40 -24.41 16.01
N LEU D 137 17.22 -24.97 17.21
CA LEU D 137 18.34 -25.51 17.98
C LEU D 137 19.05 -26.61 17.19
N ILE D 138 18.27 -27.48 16.55
CA ILE D 138 18.82 -28.50 15.69
C ILE D 138 19.65 -27.87 14.58
N ALA D 139 19.14 -26.77 14.02
CA ALA D 139 19.79 -26.12 12.88
C ALA D 139 21.06 -25.36 13.26
N ILE D 140 21.17 -24.93 14.51
CA ILE D 140 22.34 -24.14 14.92
C ILE D 140 23.31 -24.93 15.80
N GLY D 141 23.18 -26.25 15.78
CA GLY D 141 24.13 -27.12 16.45
C GLY D 141 24.04 -27.15 17.97
N GLN D 142 22.88 -26.79 18.49
CA GLN D 142 22.69 -26.76 19.95
C GLN D 142 21.62 -27.74 20.39
N SER D 143 21.57 -28.90 19.74
CA SER D 143 20.60 -29.93 20.09
C SER D 143 21.14 -31.31 19.74
N LYS D 144 20.75 -32.30 20.53
CA LYS D 144 21.11 -33.68 20.23
C LYS D 144 20.03 -34.34 19.38
N GLU D 145 18.90 -33.66 19.25
CA GLU D 145 17.77 -34.23 18.53
C GLU D 145 18.03 -34.28 17.03
N ILE D 146 17.46 -35.29 16.38
CA ILE D 146 17.57 -35.47 14.94
C ILE D 146 16.49 -34.67 14.23
N GLU D 147 16.87 -34.06 13.11
CA GLU D 147 15.91 -33.36 12.28
C GLU D 147 14.92 -34.37 11.69
N THR D 148 13.64 -34.18 11.95
CA THR D 148 12.59 -35.03 11.37
C THR D 148 11.62 -34.17 10.58
N THR D 149 10.57 -34.78 10.04
CA THR D 149 9.61 -34.04 9.22
C THR D 149 9.07 -32.81 9.97
N ILE D 150 8.65 -33.01 11.21
CA ILE D 150 8.09 -31.93 12.02
C ILE D 150 9.08 -30.79 12.23
N THR D 151 10.35 -31.13 12.42
CA THR D 151 11.37 -30.12 12.67
C THR D 151 12.23 -29.81 11.44
N ALA D 152 11.75 -30.23 10.27
CA ALA D 152 12.49 -30.06 9.01
C ALA D 152 12.76 -28.60 8.66
N GLU D 153 13.85 -28.37 7.93
CA GLU D 153 14.18 -27.01 7.51
C GLU D 153 13.07 -26.44 6.64
N GLY D 154 12.44 -27.30 5.82
CA GLY D 154 11.34 -26.86 4.99
C GLY D 154 11.58 -26.95 3.49
N GLY D 155 10.86 -26.13 2.74
CA GLY D 155 10.87 -26.22 1.30
C GLY D 155 9.50 -26.60 0.79
N GLU D 156 9.45 -27.18 -0.41
CA GLU D 156 8.18 -27.59 -1.00
C GLU D 156 8.03 -29.09 -0.93
N ILE D 157 6.93 -29.55 -0.36
CA ILE D 157 6.65 -30.98 -0.30
C ILE D 157 6.30 -31.50 -1.70
N VAL D 158 7.06 -32.50 -2.15
CA VAL D 158 6.86 -33.07 -3.49
C VAL D 158 6.49 -34.54 -3.43
N PHE D 159 6.59 -35.14 -2.24
CA PHE D 159 6.16 -36.51 -2.04
C PHE D 159 5.98 -36.76 -0.56
N GLN D 160 4.98 -37.57 -0.22
CA GLN D 160 4.73 -37.90 1.18
C GLN D 160 3.99 -39.23 1.30
N ASN D 161 4.46 -40.07 2.21
CA ASN D 161 3.68 -41.24 2.63
C ASN D 161 3.73 -41.38 4.14
N ALA D 162 3.22 -42.48 4.65
CA ALA D 162 3.13 -42.66 6.10
C ALA D 162 4.46 -42.41 6.80
N ALA D 163 5.56 -42.82 6.17
CA ALA D 163 6.86 -42.83 6.83
C ALA D 163 7.78 -41.68 6.44
N PHE D 164 7.59 -41.13 5.23
CA PHE D 164 8.53 -40.15 4.70
C PHE D 164 7.86 -38.88 4.20
N THR D 165 8.60 -37.78 4.23
CA THR D 165 8.20 -36.56 3.55
C THR D 165 9.38 -36.06 2.73
N MET D 166 9.15 -35.84 1.44
CA MET D 166 10.20 -35.36 0.54
C MET D 166 10.03 -33.87 0.23
N TRP D 167 11.11 -33.12 0.39
CA TRP D 167 11.09 -31.67 0.24
C TRP D 167 11.99 -31.23 -0.89
N LYS D 168 11.52 -30.30 -1.71
CA LYS D 168 12.41 -29.62 -2.65
C LYS D 168 13.02 -28.41 -1.94
N LEU D 169 14.35 -28.33 -1.97
CA LEU D 169 15.04 -27.18 -1.38
C LEU D 169 15.12 -26.08 -2.41
N THR D 170 14.35 -25.02 -2.19
CA THR D 170 14.24 -23.93 -3.16
C THR D 170 15.31 -22.85 -2.97
N TYR D 171 16.57 -23.30 -2.88
CA TYR D 171 17.69 -22.42 -2.61
C TYR D 171 17.93 -21.34 -3.67
N LEU D 172 17.47 -21.59 -4.89
CA LEU D 172 17.65 -20.61 -5.97
C LEU D 172 16.87 -19.33 -5.69
N GLU D 173 15.84 -19.41 -4.86
CA GLU D 173 14.93 -18.29 -4.64
C GLU D 173 15.16 -17.61 -3.29
N HIS D 174 16.20 -18.02 -2.58
CA HIS D 174 16.49 -17.43 -1.27
C HIS D 174 16.95 -15.99 -1.40
N GLN D 175 16.72 -15.22 -0.35
CA GLN D 175 17.10 -13.81 -0.33
C GLN D 175 18.46 -13.61 0.33
N LEU D 176 18.70 -14.34 1.42
CA LEU D 176 19.91 -14.13 2.22
C LEU D 176 21.17 -14.70 1.56
N MET D 177 21.15 -16.00 1.24
CA MET D 177 22.29 -16.62 0.59
C MET D 177 21.84 -17.69 -0.42
N PRO D 178 21.25 -17.26 -1.54
CA PRO D 178 20.77 -18.19 -2.56
C PRO D 178 21.93 -18.93 -3.23
N ILE D 179 21.67 -20.15 -3.70
CA ILE D 179 22.59 -20.82 -4.59
C ILE D 179 22.61 -20.02 -5.89
N LEU D 180 23.81 -19.76 -6.42
CA LEU D 180 23.95 -18.90 -7.59
C LEU D 180 23.98 -19.70 -8.90
N ASP D 181 24.31 -20.98 -8.81
CA ASP D 181 24.32 -21.86 -9.97
C ASP D 181 22.88 -22.25 -10.34
N GLN D 182 22.40 -21.73 -11.47
CA GLN D 182 21.01 -21.91 -11.86
C GLN D 182 20.63 -23.34 -12.24
N ASN D 183 21.62 -24.24 -12.27
CA ASN D 183 21.34 -25.64 -12.56
C ASN D 183 21.13 -26.45 -11.29
N PHE D 184 21.26 -25.79 -10.15
CA PHE D 184 21.10 -26.46 -8.86
C PHE D 184 19.71 -27.05 -8.68
N ILE D 185 19.68 -28.29 -8.24
CA ILE D 185 18.45 -28.96 -7.79
C ILE D 185 18.82 -29.92 -6.67
N GLU D 186 18.12 -29.85 -5.55
CA GLU D 186 18.35 -30.78 -4.45
C GLU D 186 17.08 -30.98 -3.63
N TYR D 187 16.90 -32.20 -3.13
CA TYR D 187 15.79 -32.54 -2.26
C TYR D 187 16.31 -33.19 -0.98
N LYS D 188 15.45 -33.28 0.01
CA LYS D 188 15.75 -34.08 1.19
C LYS D 188 14.51 -34.86 1.59
N VAL D 189 14.72 -36.05 2.14
CA VAL D 189 13.62 -36.86 2.62
C VAL D 189 13.77 -37.05 4.12
N THR D 190 12.81 -36.51 4.86
CA THR D 190 12.84 -36.62 6.31
C THR D 190 11.90 -37.73 6.76
N LEU D 191 12.21 -38.32 7.91
CA LEU D 191 11.37 -39.37 8.49
C LEU D 191 10.26 -38.73 9.31
N ASN D 192 9.03 -39.18 9.06
CA ASN D 192 7.87 -38.62 9.75
C ASN D 192 7.86 -38.95 11.24
N GLU D 193 8.19 -40.19 11.58
CA GLU D 193 8.17 -40.62 12.97
C GLU D 193 9.41 -41.44 13.29
N ASP D 194 9.74 -41.54 14.57
CA ASP D 194 10.78 -42.48 15.00
C ASP D 194 10.11 -43.79 15.37
N LYS D 195 9.99 -44.66 14.39
CA LYS D 195 9.17 -45.84 14.49
C LYS D 195 9.56 -46.76 13.34
N PRO D 196 9.57 -48.08 13.58
CA PRO D 196 9.96 -48.99 12.50
C PRO D 196 9.17 -48.69 11.23
N ILE D 197 9.84 -48.76 10.08
CA ILE D 197 9.19 -48.46 8.80
C ILE D 197 8.97 -49.74 8.00
N SER D 198 7.73 -49.96 7.56
CA SER D 198 7.36 -51.17 6.83
C SER D 198 8.05 -51.24 5.46
N ASP D 199 8.23 -52.46 4.96
CA ASP D 199 8.79 -52.68 3.64
C ASP D 199 7.98 -51.96 2.58
N VAL D 200 6.65 -51.94 2.75
CA VAL D 200 5.76 -51.29 1.81
C VAL D 200 6.05 -49.80 1.68
N HIS D 201 6.26 -49.15 2.82
CA HIS D 201 6.50 -47.71 2.83
C HIS D 201 7.87 -47.35 2.28
N VAL D 202 8.86 -48.21 2.50
CA VAL D 202 10.18 -48.04 1.91
C VAL D 202 10.08 -48.20 0.40
N LYS D 203 9.38 -49.25 -0.02
CA LYS D 203 9.20 -49.54 -1.45
C LYS D 203 8.56 -48.36 -2.16
N GLU D 204 7.55 -47.77 -1.53
CA GLU D 204 6.87 -46.60 -2.11
C GLU D 204 7.83 -45.43 -2.33
N LEU D 205 8.73 -45.19 -1.38
CA LEU D 205 9.70 -44.12 -1.52
C LEU D 205 10.69 -44.44 -2.64
N VAL D 206 11.24 -45.65 -2.61
CA VAL D 206 12.21 -46.07 -3.61
C VAL D 206 11.64 -45.99 -5.03
N ALA D 207 10.37 -46.36 -5.18
CA ALA D 207 9.70 -46.33 -6.47
C ALA D 207 9.58 -44.91 -6.99
N GLU D 208 9.24 -43.98 -6.09
CA GLU D 208 9.15 -42.57 -6.45
C GLU D 208 10.52 -42.04 -6.88
N LEU D 209 11.54 -42.36 -6.11
CA LEU D 209 12.89 -41.90 -6.40
C LEU D 209 13.44 -42.46 -7.71
N ARG D 210 13.14 -43.72 -8.00
CA ARG D 210 13.60 -44.35 -9.24
C ARG D 210 12.87 -43.80 -10.47
N TRP D 211 11.58 -43.56 -10.31
CA TRP D 211 10.77 -43.08 -11.44
C TRP D 211 10.92 -41.59 -11.69
N GLN D 212 10.74 -40.78 -10.64
CA GLN D 212 10.67 -39.33 -10.79
C GLN D 212 12.02 -38.64 -10.66
N TYR D 213 12.99 -39.31 -10.02
CA TYR D 213 14.29 -38.70 -9.79
C TYR D 213 15.43 -39.64 -10.18
N ASN D 214 15.32 -40.25 -11.36
CA ASN D 214 16.29 -41.25 -11.79
C ASN D 214 17.72 -40.72 -11.90
N LYS D 215 17.86 -39.43 -12.20
CA LYS D 215 19.19 -38.84 -12.36
C LYS D 215 19.76 -38.28 -11.05
N PHE D 216 19.19 -38.71 -9.93
CA PHE D 216 19.65 -38.25 -8.62
C PHE D 216 20.16 -39.40 -7.77
N ALA D 217 21.31 -39.18 -7.14
CA ALA D 217 21.85 -40.12 -6.18
C ALA D 217 21.16 -39.92 -4.83
N VAL D 218 20.81 -41.03 -4.18
CA VAL D 218 20.20 -40.97 -2.87
C VAL D 218 21.29 -41.16 -1.81
N ILE D 219 21.63 -40.09 -1.12
CA ILE D 219 22.73 -40.13 -0.17
C ILE D 219 22.30 -39.63 1.21
N THR D 220 23.27 -39.45 2.09
CA THR D 220 23.03 -38.85 3.41
C THR D 220 24.33 -38.33 4.00
N HIS D 221 24.22 -37.29 4.82
CA HIS D 221 25.38 -36.76 5.52
C HIS D 221 25.45 -37.30 6.95
N GLY D 222 24.68 -38.35 7.21
CA GLY D 222 24.76 -39.08 8.48
C GLY D 222 23.94 -38.51 9.62
N LYS D 223 23.20 -37.44 9.35
CA LYS D 223 22.45 -36.75 10.41
C LYS D 223 20.99 -37.18 10.53
N GLY D 224 20.61 -38.25 9.85
CA GLY D 224 19.30 -38.84 10.05
C GLY D 224 18.27 -38.61 8.95
N HIS D 225 18.69 -38.04 7.82
CA HIS D 225 17.78 -37.88 6.69
C HIS D 225 18.46 -38.12 5.35
N TYR D 226 17.66 -38.35 4.32
CA TYR D 226 18.20 -38.58 2.99
C TYR D 226 18.36 -37.28 2.22
N ARG D 227 19.42 -37.21 1.42
CA ARG D 227 19.64 -36.07 0.56
C ARG D 227 19.64 -36.56 -0.87
N ILE D 228 18.81 -35.94 -1.71
CA ILE D 228 18.64 -36.36 -3.09
C ILE D 228 19.40 -35.38 -3.97
N VAL D 229 20.53 -35.82 -4.50
CA VAL D 229 21.44 -34.91 -5.19
C VAL D 229 21.80 -35.42 -6.57
N LYS D 230 22.10 -34.49 -7.49
CA LYS D 230 22.55 -34.88 -8.82
C LYS D 230 23.78 -35.74 -8.71
N TYR D 231 23.86 -36.80 -9.53
CA TYR D 231 25.04 -37.64 -9.56
C TYR D 231 26.30 -36.83 -9.83
N SER D 232 26.15 -35.74 -10.58
CA SER D 232 27.28 -34.89 -10.94
C SER D 232 27.78 -34.06 -9.77
N SER D 233 27.12 -34.16 -8.61
CA SER D 233 27.52 -33.40 -7.44
C SER D 233 28.04 -34.29 -6.31
N VAL D 234 27.96 -35.60 -6.52
CA VAL D 234 28.29 -36.56 -5.46
C VAL D 234 29.72 -36.45 -4.92
N ALA D 235 30.69 -36.25 -5.80
CA ALA D 235 32.09 -36.17 -5.38
C ALA D 235 32.28 -35.02 -4.39
N ASN D 236 31.64 -33.89 -4.67
CA ASN D 236 31.71 -32.73 -3.79
C ASN D 236 31.08 -33.04 -2.42
N HIS D 237 29.95 -33.74 -2.43
CA HIS D 237 29.29 -34.14 -1.20
C HIS D 237 30.20 -35.05 -0.36
N ALA D 238 30.94 -35.93 -1.02
CA ALA D 238 31.86 -36.84 -0.35
C ALA D 238 32.98 -36.05 0.33
N ASP D 239 33.48 -35.03 -0.36
CA ASP D 239 34.52 -34.17 0.19
C ASP D 239 34.03 -33.47 1.46
N ARG D 240 32.84 -32.87 1.38
CA ARG D 240 32.24 -32.20 2.51
C ARG D 240 32.00 -33.15 3.68
N VAL D 241 31.48 -34.33 3.37
CA VAL D 241 31.15 -35.32 4.39
C VAL D 241 32.39 -35.87 5.10
N TYR D 242 33.43 -36.18 4.34
CA TYR D 242 34.65 -36.71 4.93
C TYR D 242 35.32 -35.68 5.84
N ALA D 243 35.41 -34.44 5.37
CA ALA D 243 36.03 -33.37 6.13
C ALA D 243 35.34 -33.17 7.47
N THR D 244 34.01 -33.13 7.45
CA THR D 244 33.23 -32.97 8.67
C THR D 244 33.47 -34.13 9.64
N PHE D 245 33.53 -35.33 9.07
CA PHE D 245 33.76 -36.54 9.85
C PHE D 245 35.15 -36.54 10.46
N LYS D 246 36.14 -36.21 9.64
CA LYS D 246 37.53 -36.12 10.07
C LYS D 246 37.67 -35.10 11.19
N SER D 247 37.09 -33.93 10.98
CA SER D 247 37.13 -32.84 11.96
C SER D 247 36.53 -33.26 13.30
N ASN D 248 35.40 -33.96 13.26
CA ASN D 248 34.75 -34.41 14.47
C ASN D 248 35.59 -35.43 15.24
N VAL D 249 36.32 -36.26 14.51
CA VAL D 249 37.25 -37.21 15.13
C VAL D 249 38.36 -36.42 15.82
N LYS D 250 38.80 -35.34 15.18
CA LYS D 250 39.87 -34.51 15.70
C LYS D 250 39.48 -33.87 17.02
N THR D 251 38.36 -33.17 17.02
CA THR D 251 37.90 -32.44 18.21
C THR D 251 37.18 -33.35 19.20
N GLY D 252 37.16 -34.65 18.90
CA GLY D 252 36.52 -35.62 19.76
C GLY D 252 35.03 -35.38 19.92
N VAL D 253 34.48 -34.53 19.05
CA VAL D 253 33.06 -34.23 19.05
C VAL D 253 32.24 -35.45 18.65
N ASN D 254 31.03 -35.57 19.19
CA ASN D 254 30.13 -36.66 18.83
C ASN D 254 30.08 -36.88 17.33
N ASN D 255 30.68 -37.99 16.89
CA ASN D 255 30.81 -38.27 15.47
C ASN D 255 29.91 -39.42 15.02
N ASP D 256 28.68 -39.44 15.53
CA ASP D 256 27.71 -40.46 15.14
C ASP D 256 27.29 -40.25 13.69
N PHE D 257 27.42 -41.28 12.88
CA PHE D 257 27.05 -41.20 11.47
C PHE D 257 26.05 -42.29 11.11
N ASN D 258 24.80 -41.89 10.90
CA ASN D 258 23.73 -42.82 10.55
C ASN D 258 23.77 -43.15 9.05
N LEU D 259 24.12 -44.36 8.71
CA LEU D 259 24.22 -44.81 7.33
C LEU D 259 22.89 -44.84 6.56
N LEU D 260 21.81 -45.05 7.30
CA LEU D 260 20.43 -45.13 6.84
C LEU D 260 20.20 -46.43 6.08
N ASP D 261 19.08 -46.55 5.41
CA ASP D 261 18.65 -47.82 4.91
C ASP D 261 19.43 -48.20 3.65
N GLN D 262 20.10 -49.34 3.72
CA GLN D 262 20.94 -49.80 2.61
C GLN D 262 20.13 -50.10 1.35
N ARG D 263 18.82 -50.31 1.52
CA ARG D 263 17.94 -50.55 0.38
C ARG D 263 17.59 -49.25 -0.35
N ILE D 264 17.87 -48.12 0.30
CA ILE D 264 17.47 -46.82 -0.23
C ILE D 264 18.68 -46.02 -0.72
N ILE D 265 19.70 -45.92 0.13
CA ILE D 265 20.94 -45.23 -0.21
C ILE D 265 21.61 -45.78 -1.47
N TRP D 266 22.13 -44.90 -2.32
CA TRP D 266 22.92 -45.32 -3.48
C TRP D 266 24.03 -46.28 -3.07
N GLN D 267 24.12 -47.41 -3.74
CA GLN D 267 25.08 -48.46 -3.42
C GLN D 267 26.50 -47.93 -3.19
N ASN D 268 26.97 -47.11 -4.12
CA ASN D 268 28.33 -46.58 -4.01
C ASN D 268 28.52 -45.66 -2.81
N TRP D 269 27.49 -44.86 -2.51
CA TRP D 269 27.56 -43.95 -1.37
C TRP D 269 27.58 -44.72 -0.05
N TYR D 270 26.86 -45.83 -0.02
CA TYR D 270 26.82 -46.66 1.17
C TYR D 270 28.19 -47.28 1.39
N ALA D 271 28.86 -47.65 0.30
CA ALA D 271 30.20 -48.21 0.35
C ALA D 271 31.18 -47.15 0.84
N PHE D 272 31.09 -45.96 0.24
CA PHE D 272 31.98 -44.86 0.61
C PHE D 272 31.87 -44.47 2.08
N THR D 273 30.64 -44.35 2.58
CA THR D 273 30.43 -43.94 3.97
C THR D 273 30.77 -45.05 4.97
N SER D 274 30.50 -46.30 4.58
CA SER D 274 30.86 -47.44 5.43
C SER D 274 32.36 -47.53 5.61
N SER D 275 33.09 -47.37 4.50
CA SER D 275 34.55 -47.39 4.53
C SER D 275 35.07 -46.21 5.36
N MET D 276 34.37 -45.09 5.29
CA MET D 276 34.74 -43.92 6.07
C MET D 276 34.60 -44.21 7.56
N LYS D 277 33.46 -44.78 7.94
CA LYS D 277 33.21 -45.12 9.32
C LYS D 277 34.23 -46.14 9.83
N GLN D 278 34.66 -47.03 8.94
CA GLN D 278 35.62 -48.06 9.29
C GLN D 278 37.02 -47.48 9.54
N GLY D 279 37.19 -46.20 9.24
CA GLY D 279 38.41 -45.50 9.56
C GLY D 279 39.40 -45.37 8.42
N ASN D 280 38.95 -45.62 7.19
CA ASN D 280 39.82 -45.50 6.03
C ASN D 280 40.08 -44.05 5.64
N THR D 281 41.12 -43.83 4.84
CA THR D 281 41.47 -42.50 4.38
C THR D 281 40.52 -42.04 3.28
N LEU D 282 40.57 -40.74 2.97
CA LEU D 282 39.73 -40.17 1.92
C LEU D 282 39.91 -40.90 0.59
N ASP D 283 41.15 -41.18 0.23
CA ASP D 283 41.44 -41.81 -1.06
C ASP D 283 40.86 -43.22 -1.18
N VAL D 284 40.99 -44.02 -0.14
CA VAL D 284 40.39 -45.35 -0.13
C VAL D 284 38.87 -45.25 -0.19
N CYS D 285 38.30 -44.40 0.66
CA CYS D 285 36.86 -44.13 0.67
C CYS D 285 36.35 -43.67 -0.67
N LYS D 286 36.80 -42.48 -1.07
CA LYS D 286 36.26 -41.76 -2.20
C LYS D 286 36.29 -42.54 -3.51
N ARG D 287 37.33 -43.34 -3.72
CA ARG D 287 37.45 -44.08 -4.98
C ARG D 287 36.32 -45.08 -5.17
N LEU D 288 35.65 -45.44 -4.07
CA LEU D 288 34.51 -46.34 -4.14
C LEU D 288 33.33 -45.69 -4.87
N LEU D 289 33.32 -44.36 -4.92
CA LEU D 289 32.25 -43.63 -5.60
C LEU D 289 32.30 -43.80 -7.12
N PHE D 290 33.50 -43.91 -7.65
CA PHE D 290 33.68 -43.90 -9.10
C PHE D 290 33.72 -45.30 -9.70
N GLN D 291 33.62 -46.31 -8.86
CA GLN D 291 33.70 -47.70 -9.30
C GLN D 291 32.33 -48.28 -9.62
N LYS D 292 32.21 -48.90 -10.78
CA LYS D 292 31.00 -49.64 -11.12
C LYS D 292 31.01 -50.94 -10.34
N MET D 293 30.03 -51.12 -9.47
CA MET D 293 30.00 -52.25 -8.55
C MET D 293 29.02 -53.33 -8.98
N LYS D 294 29.20 -54.54 -8.45
CA LYS D 294 28.29 -55.64 -8.75
C LYS D 294 26.93 -55.32 -8.15
N PRO D 295 25.94 -55.00 -9.00
CA PRO D 295 24.61 -54.62 -8.51
C PRO D 295 24.14 -55.55 -7.40
N GLU D 296 23.91 -54.98 -6.22
CA GLU D 296 23.46 -55.76 -5.07
C GLU D 296 22.11 -56.41 -5.36
N LYS D 297 21.75 -57.41 -4.56
CA LYS D 297 20.46 -58.07 -4.69
C LYS D 297 19.34 -57.05 -4.60
N ASN D 298 18.77 -56.68 -5.75
CA ASN D 298 17.69 -55.69 -5.79
C ASN D 298 16.52 -56.11 -4.92
N PRO D 299 16.31 -55.39 -3.81
CA PRO D 299 15.25 -55.73 -2.85
C PRO D 299 13.86 -55.51 -3.45
N PHE D 300 13.75 -54.61 -4.42
CA PHE D 300 12.45 -54.28 -5.01
C PHE D 300 12.50 -54.27 -6.54
N LYS D 301 12.44 -55.45 -7.14
CA LYS D 301 12.44 -55.56 -8.59
C LYS D 301 11.07 -55.18 -9.17
N GLY D 302 11.09 -54.55 -10.35
CA GLY D 302 9.88 -54.25 -11.07
C GLY D 302 9.19 -52.94 -10.69
N LEU D 303 9.76 -52.22 -9.73
CA LEU D 303 9.16 -50.97 -9.27
C LEU D 303 8.90 -49.97 -10.40
N SER D 304 9.93 -49.72 -11.20
CA SER D 304 9.82 -48.76 -12.29
C SER D 304 8.79 -49.19 -13.34
N THR D 305 8.75 -50.48 -13.62
CA THR D 305 7.79 -51.03 -14.58
C THR D 305 6.36 -50.83 -14.09
N ASP D 306 6.14 -51.00 -12.79
CA ASP D 306 4.82 -50.79 -12.20
C ASP D 306 4.36 -49.35 -12.37
N ARG D 307 5.24 -48.41 -12.02
CA ARG D 307 4.93 -46.99 -12.15
C ARG D 307 4.64 -46.67 -13.61
N LYS D 308 5.43 -47.27 -14.49
CA LYS D 308 5.26 -47.10 -15.93
C LYS D 308 3.86 -47.53 -16.35
N MET D 309 3.48 -48.76 -15.99
CA MET D 309 2.16 -49.26 -16.36
C MET D 309 1.05 -48.44 -15.73
N ASP D 310 1.28 -47.95 -14.51
CA ASP D 310 0.32 -47.07 -13.85
C ASP D 310 0.05 -45.81 -14.67
N GLU D 311 1.12 -45.19 -15.17
CA GLU D 311 1.02 -43.98 -15.97
C GLU D 311 0.24 -44.22 -17.26
N VAL D 312 0.53 -45.34 -17.91
CA VAL D 312 -0.12 -45.68 -19.18
C VAL D 312 -1.63 -45.81 -19.01
N SER D 313 -2.07 -46.39 -17.90
CA SER D 313 -3.48 -46.46 -17.58
C SER D 313 -3.90 -45.27 -16.72
#